data_1Z45
#
_entry.id   1Z45
#
_cell.length_a   120.900
_cell.length_b   125.200
_cell.length_c   142.300
_cell.angle_alpha   90.00
_cell.angle_beta   90.00
_cell.angle_gamma   90.00
#
_symmetry.space_group_name_H-M   'I 2 2 2'
#
loop_
_entity.id
_entity.type
_entity.pdbx_description
1 polymer 'GAL10 bifunctional protein'
2 non-polymer beta-D-galactopyranose
3 non-polymer 'SODIUM ION'
4 non-polymer NICOTINAMIDE-ADENINE-DINUCLEOTIDE
5 non-polymer "URIDINE-5'-DIPHOSPHATE-GLUCOSE"
6 water water
#
_entity_poly.entity_id   1
_entity_poly.type   'polypeptide(L)'
_entity_poly.pdbx_seq_one_letter_code
;MTAQLQSESTSKIVLVTGGAGYIGSHTVVELIENGYDCVVADNLSNSTYDSVARLEVLTKHHIPFYEVDLCDRKGLEKVF
KEYKIDSVIHFAGLKAVGESTQIPLRYYHNNILGTVVLLELMQQYNVSKFVFSSSATVYGDATRFPNMIPIPEECPLGPT
NPYGHTKYAIENILNDLYNSDKKSWKFAILRYFNPIGAHPSGLIGEDPLGIPNNLLPYMAQVAVGRREKLYIFGDDYDSR
DGTPIRDYIHVVDLAKGHIAALQYLEAYNENEGLCREWNLGSGKGSTVFEVYHAFCKASGIDLPYKVTGRRAGDVLNLTA
KPDRAKRELKWQTELQVEDSCKDLWKWTTENPFGYQLRGVEARFSAEDMRYDARFVTIGAGTRFQATFANLGASIVDLKV
NGQSVVLGYENEEGYLNPDSAYIGATIGRYANRISKGKFSLCNKDYQLTVNNGVNANHSSIGSFHRKRFLGPIIQNPSKD
VFTAEYMLIDNEKDTEFPGDLLVTIQYTVNVAQKSLEIVYKGKLTAGEATPINLTNHSYFNLNKPYGDTIEGTEIMVRSK
KSVDVDKNMIPTGNIVDREIATFNSTKPTVLGPKNPQFDCCFVVDENAKPSQINTLNNELTLIVKAFHPDSNITLEVLST
EPTYQFYTGDFLSAGYEARQGFAIEPGRYIDAINQENWKDCVTLKNGETYGSKIVYRFS
;
_entity_poly.pdbx_strand_id   A
#
loop_
_chem_comp.id
_chem_comp.type
_chem_comp.name
_chem_comp.formula
GAL D-saccharide, beta linking beta-D-galactopyranose 'C6 H12 O6'
NA non-polymer 'SODIUM ION' 'Na 1'
NAD non-polymer NICOTINAMIDE-ADENINE-DINUCLEOTIDE 'C21 H27 N7 O14 P2'
UPG non-polymer URIDINE-5'-DIPHOSPHATE-GLUCOSE 'C15 H24 N2 O17 P2'
#
# COMPACT_ATOMS: atom_id res chain seq x y z
N SER A 11 -12.30 0.54 18.39
CA SER A 11 -11.12 -0.23 17.99
C SER A 11 -9.88 0.12 18.81
N LYS A 12 -9.15 -0.87 19.36
CA LYS A 12 -7.93 -0.63 20.15
C LYS A 12 -6.79 -0.24 19.22
N ILE A 13 -6.05 0.82 19.61
CA ILE A 13 -4.94 1.29 18.82
C ILE A 13 -3.63 0.81 19.44
N VAL A 14 -2.86 0.04 18.65
CA VAL A 14 -1.57 -0.47 19.07
C VAL A 14 -0.45 0.33 18.42
N LEU A 15 0.48 0.82 19.27
CA LEU A 15 1.65 1.54 18.77
C LEU A 15 2.72 0.47 18.51
N VAL A 16 3.11 0.37 17.26
CA VAL A 16 4.11 -0.60 16.84
C VAL A 16 5.42 0.08 16.53
N THR A 17 6.36 0.07 17.47
CA THR A 17 7.65 0.70 17.19
C THR A 17 8.45 -0.25 16.30
N GLY A 18 9.27 0.27 15.39
CA GLY A 18 10.03 -0.58 14.49
C GLY A 18 9.12 -1.34 13.57
N GLY A 19 7.89 -0.85 13.39
CA GLY A 19 6.85 -1.50 12.56
C GLY A 19 7.07 -1.60 11.05
N ALA A 20 8.03 -0.83 10.53
CA ALA A 20 8.33 -0.92 9.11
C ALA A 20 9.38 -2.04 8.90
N GLY A 21 9.88 -2.59 10.00
CA GLY A 21 10.92 -3.65 9.89
C GLY A 21 10.28 -5.01 9.63
N TYR A 22 11.12 -5.98 9.63
CA TYR A 22 10.75 -7.35 9.35
C TYR A 22 9.67 -7.92 10.21
N ILE A 23 9.99 -8.19 11.44
CA ILE A 23 8.99 -8.81 12.28
C ILE A 23 7.83 -7.89 12.54
N GLY A 24 8.17 -6.62 12.76
CA GLY A 24 7.12 -5.70 13.07
C GLY A 24 6.09 -5.67 11.90
N SER A 25 6.55 -5.61 10.67
CA SER A 25 5.59 -5.55 9.60
C SER A 25 4.66 -6.74 9.56
N HIS A 26 5.18 -7.92 9.80
CA HIS A 26 4.38 -9.12 9.79
C HIS A 26 3.37 -9.11 10.94
N THR A 27 3.80 -8.55 12.03
CA THR A 27 2.89 -8.49 13.16
C THR A 27 1.76 -7.51 12.90
N VAL A 28 2.02 -6.46 12.17
CA VAL A 28 0.97 -5.49 11.87
C VAL A 28 -0.16 -6.23 11.13
N VAL A 29 0.18 -7.11 10.22
CA VAL A 29 -0.82 -7.88 9.46
C VAL A 29 -1.73 -8.61 10.42
N GLU A 30 -1.10 -9.30 11.36
CA GLU A 30 -1.87 -10.03 12.34
C GLU A 30 -2.73 -9.16 13.22
N LEU A 31 -2.15 -8.00 13.56
CA LEU A 31 -2.91 -7.11 14.42
C LEU A 31 -4.16 -6.61 13.72
N ILE A 32 -3.95 -6.09 12.51
CA ILE A 32 -5.11 -5.58 11.79
C ILE A 32 -6.12 -6.69 11.54
N GLU A 33 -5.66 -7.87 11.20
CA GLU A 33 -6.57 -8.96 11.00
C GLU A 33 -7.35 -9.35 12.27
N ASN A 34 -6.82 -9.01 13.42
CA ASN A 34 -7.45 -9.35 14.66
C ASN A 34 -8.24 -8.25 15.26
N GLY A 35 -8.50 -7.26 14.45
CA GLY A 35 -9.32 -6.14 14.85
C GLY A 35 -8.66 -4.96 15.45
N TYR A 36 -7.35 -4.97 15.52
CA TYR A 36 -6.68 -3.80 16.10
C TYR A 36 -6.35 -2.77 15.03
N ASP A 37 -6.22 -1.53 15.46
CA ASP A 37 -5.80 -0.47 14.56
C ASP A 37 -4.32 -0.27 14.92
N CYS A 38 -3.45 0.01 13.95
CA CYS A 38 -2.07 0.20 14.28
C CYS A 38 -1.52 1.56 13.86
N VAL A 39 -0.55 2.04 14.64
CA VAL A 39 0.18 3.27 14.29
C VAL A 39 1.64 2.81 14.29
N VAL A 40 2.41 3.15 13.30
CA VAL A 40 3.79 2.68 13.30
C VAL A 40 4.74 3.87 13.51
N ALA A 41 5.77 3.66 14.35
CA ALA A 41 6.82 4.64 14.63
C ALA A 41 8.14 3.96 14.30
N ASP A 42 8.87 4.50 13.33
CA ASP A 42 10.12 3.88 12.91
C ASP A 42 11.02 4.92 12.34
N ASN A 43 12.31 4.89 12.68
CA ASN A 43 13.21 5.89 12.15
C ASN A 43 13.80 5.45 10.85
N LEU A 44 13.37 4.30 10.32
CA LEU A 44 13.86 3.81 9.08
C LEU A 44 15.35 3.60 9.04
N SER A 45 15.94 3.22 10.18
CA SER A 45 17.40 2.99 10.20
C SER A 45 17.73 1.68 9.52
N ASN A 46 16.77 0.76 9.47
CA ASN A 46 17.04 -0.51 8.84
C ASN A 46 15.82 -0.99 8.01
N SER A 47 15.09 -0.03 7.44
CA SER A 47 13.88 -0.30 6.64
C SER A 47 13.51 0.94 5.83
N THR A 48 12.51 0.79 4.98
CA THR A 48 11.95 1.87 4.15
C THR A 48 10.45 1.84 4.37
N TYR A 49 9.84 2.98 4.07
CA TYR A 49 8.42 3.15 4.23
C TYR A 49 7.62 2.17 3.36
N ASP A 50 8.24 1.71 2.29
CA ASP A 50 7.58 0.81 1.36
C ASP A 50 6.89 -0.37 2.00
N SER A 51 7.45 -0.91 3.09
CA SER A 51 6.76 -2.03 3.69
C SER A 51 5.42 -1.59 4.23
N VAL A 52 5.42 -0.40 4.80
CA VAL A 52 4.18 0.10 5.41
C VAL A 52 3.11 0.37 4.34
N ALA A 53 3.57 1.00 3.26
CA ALA A 53 2.66 1.28 2.17
C ALA A 53 2.07 -0.04 1.70
N ARG A 54 2.88 -1.08 1.62
CA ARG A 54 2.31 -2.34 1.16
C ARG A 54 1.34 -2.94 2.14
N LEU A 55 1.64 -2.76 3.41
CA LEU A 55 0.76 -3.29 4.41
C LEU A 55 -0.64 -2.67 4.34
N GLU A 56 -0.70 -1.38 3.98
CA GLU A 56 -2.01 -0.72 3.94
C GLU A 56 -2.93 -1.48 3.00
N VAL A 57 -2.35 -1.84 1.88
CA VAL A 57 -3.13 -2.56 0.89
C VAL A 57 -3.41 -3.98 1.31
N LEU A 58 -2.38 -4.65 1.80
CA LEU A 58 -2.56 -6.03 2.20
C LEU A 58 -3.58 -6.20 3.29
N THR A 59 -3.62 -5.23 4.21
CA THR A 59 -4.56 -5.33 5.33
C THR A 59 -5.81 -4.53 5.09
N LYS A 60 -5.84 -3.80 3.97
CA LYS A 60 -7.02 -2.97 3.68
C LYS A 60 -7.33 -1.94 4.77
N HIS A 61 -6.26 -1.35 5.35
CA HIS A 61 -6.40 -0.37 6.40
C HIS A 61 -5.32 0.69 6.32
N HIS A 62 -5.70 1.89 6.69
CA HIS A 62 -4.70 2.95 6.70
C HIS A 62 -3.80 2.70 7.92
N ILE A 63 -2.50 2.96 7.79
CA ILE A 63 -1.61 2.78 8.93
C ILE A 63 -0.80 4.04 9.10
N PRO A 64 -1.25 4.87 10.01
CA PRO A 64 -0.57 6.13 10.31
C PRO A 64 0.91 5.79 10.62
N PHE A 65 1.80 6.58 10.07
CA PHE A 65 3.21 6.31 10.22
C PHE A 65 4.00 7.50 10.66
N TYR A 66 4.87 7.32 11.65
CA TYR A 66 5.71 8.43 12.12
C TYR A 66 7.17 8.07 11.92
N GLU A 67 7.90 8.85 11.13
CA GLU A 67 9.32 8.61 10.92
C GLU A 67 9.95 9.29 12.12
N VAL A 68 10.29 8.52 13.14
CA VAL A 68 10.82 9.12 14.34
C VAL A 68 11.77 8.20 15.08
N ASP A 69 12.73 8.80 15.75
CA ASP A 69 13.68 8.05 16.53
C ASP A 69 13.06 7.95 17.91
N LEU A 70 12.98 6.75 18.43
CA LEU A 70 12.37 6.66 19.76
C LEU A 70 13.09 7.47 20.82
N CYS A 71 14.36 7.77 20.57
CA CYS A 71 15.16 8.55 21.49
C CYS A 71 14.75 10.01 21.53
N ASP A 72 13.97 10.45 20.56
CA ASP A 72 13.51 11.83 20.44
C ASP A 72 12.18 12.03 21.12
N ARG A 73 12.26 12.39 22.38
CA ARG A 73 11.03 12.51 23.14
C ARG A 73 9.94 13.38 22.54
N LYS A 74 10.34 14.56 22.07
CA LYS A 74 9.39 15.50 21.51
C LYS A 74 8.69 14.89 20.30
N GLY A 75 9.53 14.31 19.47
CA GLY A 75 9.02 13.68 18.27
C GLY A 75 8.10 12.53 18.60
N LEU A 76 8.51 11.66 19.51
CA LEU A 76 7.67 10.50 19.88
C LEU A 76 6.41 10.89 20.61
N GLU A 77 6.47 11.98 21.41
CA GLU A 77 5.28 12.41 22.16
C GLU A 77 4.02 12.73 21.29
N LYS A 78 4.29 13.21 20.10
CA LYS A 78 3.25 13.52 19.13
C LYS A 78 2.36 12.35 18.87
N VAL A 79 2.94 11.18 18.89
CA VAL A 79 2.13 10.00 18.64
C VAL A 79 1.10 9.87 19.75
N PHE A 80 1.58 9.97 20.98
CA PHE A 80 0.73 9.84 22.15
C PHE A 80 -0.27 10.95 22.22
N LYS A 81 0.10 12.11 21.66
CA LYS A 81 -0.83 13.22 21.67
C LYS A 81 -1.88 13.02 20.59
N GLU A 82 -1.46 12.47 19.43
CA GLU A 82 -2.33 12.25 18.28
C GLU A 82 -3.27 11.08 18.36
N TYR A 83 -2.92 10.07 19.08
CA TYR A 83 -3.81 8.94 19.14
C TYR A 83 -3.91 8.42 20.51
N LYS A 84 -5.02 7.78 20.79
CA LYS A 84 -5.16 7.18 22.10
C LYS A 84 -4.58 5.78 22.00
N ILE A 85 -3.33 5.60 22.47
CA ILE A 85 -2.66 4.31 22.38
C ILE A 85 -3.14 3.36 23.45
N ASP A 86 -3.54 2.14 23.12
CA ASP A 86 -4.02 1.22 24.12
C ASP A 86 -2.91 0.28 24.59
N SER A 87 -1.98 0.03 23.69
CA SER A 87 -0.89 -0.86 23.95
C SER A 87 0.27 -0.60 22.97
N VAL A 88 1.48 -1.06 23.33
CA VAL A 88 2.65 -0.84 22.52
C VAL A 88 3.40 -2.12 22.32
N ILE A 89 3.85 -2.36 21.07
CA ILE A 89 4.64 -3.57 20.79
C ILE A 89 5.91 -2.96 20.28
N HIS A 90 6.97 -3.21 20.99
CA HIS A 90 8.22 -2.54 20.70
C HIS A 90 9.25 -3.42 20.05
N PHE A 91 9.34 -3.24 18.74
CA PHE A 91 10.29 -4.00 17.94
C PHE A 91 11.50 -3.16 17.60
N ALA A 92 11.35 -1.86 17.80
CA ALA A 92 12.44 -0.98 17.39
C ALA A 92 13.77 -1.25 18.05
N GLY A 93 14.85 -1.27 17.26
CA GLY A 93 16.16 -1.51 17.85
C GLY A 93 17.15 -1.95 16.81
N LEU A 94 18.45 -1.96 17.19
CA LEU A 94 19.58 -2.42 16.38
C LEU A 94 19.80 -3.85 16.84
N LYS A 95 20.04 -4.74 15.87
CA LYS A 95 20.08 -6.11 16.26
C LYS A 95 21.21 -6.97 15.65
N ALA A 96 22.20 -6.37 15.01
CA ALA A 96 23.32 -7.12 14.41
C ALA A 96 24.35 -7.49 15.49
N VAL A 97 24.29 -8.70 15.94
CA VAL A 97 25.22 -9.10 16.95
C VAL A 97 26.64 -8.75 16.64
N GLY A 98 27.06 -9.09 15.42
CA GLY A 98 28.43 -8.82 14.98
C GLY A 98 28.80 -7.37 15.10
N GLU A 99 27.98 -6.55 14.52
CA GLU A 99 28.19 -5.15 14.55
C GLU A 99 28.13 -4.59 15.97
N SER A 100 27.35 -5.26 16.83
CA SER A 100 27.25 -4.74 18.18
C SER A 100 28.58 -4.80 18.89
N THR A 101 29.34 -5.84 18.58
CA THR A 101 30.66 -6.01 19.16
C THR A 101 31.60 -4.93 18.69
N GLN A 102 31.30 -4.37 17.56
CA GLN A 102 32.11 -3.34 17.01
C GLN A 102 31.66 -1.94 17.38
N ILE A 103 30.36 -1.70 17.46
CA ILE A 103 29.97 -0.33 17.81
C ILE A 103 29.05 -0.43 18.99
N PRO A 104 29.58 -0.97 20.06
CA PRO A 104 28.76 -1.13 21.24
C PRO A 104 28.04 0.13 21.73
N LEU A 105 28.72 1.27 21.76
CA LEU A 105 28.04 2.44 22.27
C LEU A 105 26.73 2.76 21.54
N ARG A 106 26.74 2.60 20.25
CA ARG A 106 25.54 2.91 19.48
C ARG A 106 24.38 1.99 19.84
N TYR A 107 24.74 0.70 20.05
CA TYR A 107 23.76 -0.32 20.45
C TYR A 107 23.11 0.07 21.79
N TYR A 108 23.93 0.32 22.81
CA TYR A 108 23.37 0.67 24.06
C TYR A 108 22.59 1.98 24.00
N HIS A 109 23.15 2.98 23.32
CA HIS A 109 22.48 4.24 23.31
C HIS A 109 21.13 4.11 22.62
N ASN A 110 21.18 3.55 21.42
CA ASN A 110 19.96 3.42 20.65
C ASN A 110 18.94 2.56 21.32
N ASN A 111 19.38 1.35 21.63
CA ASN A 111 18.42 0.40 22.23
C ASN A 111 17.87 0.74 23.59
N ILE A 112 18.77 1.16 24.50
CA ILE A 112 18.30 1.49 25.85
C ILE A 112 17.60 2.81 25.91
N LEU A 113 18.21 3.83 25.34
CA LEU A 113 17.57 5.14 25.41
C LEU A 113 16.17 5.16 24.72
N GLY A 114 16.05 4.48 23.58
CA GLY A 114 14.78 4.44 22.86
C GLY A 114 13.68 3.86 23.73
N THR A 115 14.03 2.78 24.44
CA THR A 115 13.09 2.11 25.29
C THR A 115 12.68 2.95 26.46
N VAL A 116 13.68 3.56 27.09
CA VAL A 116 13.38 4.35 28.28
C VAL A 116 12.46 5.51 27.94
N VAL A 117 12.80 6.23 26.85
CA VAL A 117 11.95 7.38 26.44
C VAL A 117 10.50 6.92 26.21
N LEU A 118 10.36 5.83 25.47
CA LEU A 118 9.07 5.29 25.14
C LEU A 118 8.34 4.94 26.41
N LEU A 119 9.03 4.27 27.31
CA LEU A 119 8.38 3.92 28.53
C LEU A 119 8.02 5.16 29.36
N GLU A 120 8.89 6.16 29.36
CA GLU A 120 8.56 7.37 30.16
C GLU A 120 7.28 8.06 29.62
N LEU A 121 7.09 8.07 28.31
CA LEU A 121 5.92 8.66 27.71
C LEU A 121 4.70 7.82 28.02
N MET A 122 4.87 6.51 27.97
CA MET A 122 3.75 5.66 28.29
C MET A 122 3.32 5.90 29.72
N GLN A 123 4.32 6.01 30.62
CA GLN A 123 4.05 6.25 32.02
C GLN A 123 3.19 7.53 32.16
N GLN A 124 3.65 8.57 31.46
CA GLN A 124 3.07 9.89 31.38
C GLN A 124 1.69 9.87 30.76
N TYR A 125 1.52 9.03 29.76
CA TYR A 125 0.25 8.95 29.09
C TYR A 125 -0.58 7.84 29.63
N ASN A 126 -0.10 7.21 30.66
CA ASN A 126 -0.85 6.16 31.27
C ASN A 126 -1.12 4.99 30.36
N VAL A 127 -0.13 4.61 29.54
CA VAL A 127 -0.37 3.45 28.70
C VAL A 127 0.32 2.37 29.49
N SER A 128 -0.34 1.25 29.84
CA SER A 128 0.26 0.19 30.63
C SER A 128 0.65 -1.10 29.91
N LYS A 129 0.06 -1.34 28.74
CA LYS A 129 0.36 -2.58 28.05
C LYS A 129 1.54 -2.49 27.13
N PHE A 130 2.54 -3.37 27.37
CA PHE A 130 3.76 -3.41 26.58
C PHE A 130 4.21 -4.83 26.26
N VAL A 131 4.51 -5.03 24.96
CA VAL A 131 5.00 -6.31 24.48
C VAL A 131 6.40 -6.01 23.95
N PHE A 132 7.38 -6.71 24.51
CA PHE A 132 8.75 -6.43 24.13
C PHE A 132 9.46 -7.51 23.34
N SER A 133 10.15 -7.06 22.29
CA SER A 133 10.94 -7.93 21.46
C SER A 133 12.23 -8.31 22.15
N SER A 134 12.21 -9.39 22.91
CA SER A 134 13.45 -9.84 23.49
C SER A 134 14.07 -10.85 22.56
N SER A 135 15.12 -11.51 23.05
CA SER A 135 15.83 -12.44 22.23
C SER A 135 16.45 -13.62 23.00
N ALA A 136 16.55 -14.78 22.34
CA ALA A 136 17.16 -15.91 23.00
C ALA A 136 18.62 -15.62 23.32
N THR A 137 19.19 -14.56 22.78
CA THR A 137 20.58 -14.16 23.04
C THR A 137 20.79 -13.86 24.53
N VAL A 138 19.70 -13.52 25.25
CA VAL A 138 19.86 -13.24 26.64
C VAL A 138 20.37 -14.46 27.43
N TYR A 139 20.13 -15.65 26.95
CA TYR A 139 20.54 -16.82 27.66
C TYR A 139 22.04 -17.07 27.62
N GLY A 140 22.70 -16.59 26.58
CA GLY A 140 24.12 -16.82 26.41
C GLY A 140 24.30 -18.27 26.00
N ASP A 141 25.31 -18.99 26.53
CA ASP A 141 25.53 -20.41 26.21
C ASP A 141 24.86 -21.21 27.31
N ALA A 142 23.76 -21.88 26.98
CA ALA A 142 23.02 -22.62 27.98
C ALA A 142 23.69 -23.91 28.43
N THR A 143 24.59 -24.35 27.58
CA THR A 143 25.33 -25.57 27.81
C THR A 143 26.31 -25.43 29.00
N ARG A 144 26.43 -24.21 29.48
CA ARG A 144 27.23 -23.90 30.61
C ARG A 144 26.55 -24.50 31.84
N PHE A 145 25.30 -24.92 31.65
CA PHE A 145 24.50 -25.59 32.67
C PHE A 145 24.14 -26.96 32.15
N PRO A 146 23.88 -27.90 33.01
CA PRO A 146 23.49 -29.20 32.46
C PRO A 146 21.98 -29.19 32.20
N ASN A 147 21.50 -30.02 31.28
CA ASN A 147 20.07 -30.15 30.95
C ASN A 147 19.33 -28.86 30.67
N MET A 148 20.03 -27.96 30.02
CA MET A 148 19.43 -26.67 29.77
C MET A 148 19.00 -26.52 28.33
N ILE A 149 19.03 -27.60 27.62
CA ILE A 149 18.65 -27.60 26.21
C ILE A 149 17.56 -28.62 26.02
N PRO A 150 16.36 -28.26 25.55
CA PRO A 150 15.88 -26.94 25.14
C PRO A 150 15.81 -25.98 26.29
N ILE A 151 16.08 -24.73 25.93
CA ILE A 151 16.15 -23.64 26.87
C ILE A 151 14.87 -23.17 27.49
N PRO A 152 14.77 -23.32 28.82
CA PRO A 152 13.59 -22.87 29.57
C PRO A 152 13.77 -21.39 29.91
N GLU A 153 12.64 -20.71 30.15
CA GLU A 153 12.60 -19.30 30.49
C GLU A 153 13.45 -19.03 31.70
N GLU A 154 13.52 -20.06 32.54
CA GLU A 154 14.28 -20.04 33.80
C GLU A 154 15.78 -20.23 33.64
N CYS A 155 16.28 -20.53 32.42
CA CYS A 155 17.70 -20.62 32.25
C CYS A 155 18.28 -19.27 32.68
N PRO A 156 19.34 -19.27 33.49
CA PRO A 156 19.93 -18.01 33.91
C PRO A 156 20.50 -17.20 32.73
N LEU A 157 20.23 -15.88 32.77
CA LEU A 157 20.67 -14.98 31.71
C LEU A 157 22.14 -14.66 31.85
N GLY A 158 22.81 -14.58 30.70
CA GLY A 158 24.22 -14.28 30.61
C GLY A 158 24.66 -14.09 29.17
N PRO A 159 24.20 -12.96 28.56
CA PRO A 159 24.54 -12.66 27.20
C PRO A 159 26.01 -12.54 27.03
N THR A 160 26.44 -12.85 25.86
CA THR A 160 27.85 -12.79 25.57
C THR A 160 28.19 -11.77 24.50
N ASN A 161 27.29 -10.85 24.12
CA ASN A 161 27.64 -9.85 23.10
C ASN A 161 26.87 -8.60 23.52
N PRO A 162 27.27 -7.45 23.01
CA PRO A 162 26.66 -6.21 23.43
C PRO A 162 25.18 -6.15 23.15
N TYR A 163 24.81 -6.71 22.01
CA TYR A 163 23.42 -6.73 21.62
C TYR A 163 22.61 -7.45 22.70
N GLY A 164 23.09 -8.62 23.11
CA GLY A 164 22.41 -9.38 24.16
C GLY A 164 22.31 -8.60 25.43
N HIS A 165 23.39 -7.90 25.69
CA HIS A 165 23.47 -7.05 26.87
C HIS A 165 22.39 -6.03 26.87
N THR A 166 22.14 -5.45 25.70
CA THR A 166 21.08 -4.44 25.66
C THR A 166 19.73 -5.05 25.90
N LYS A 167 19.46 -6.24 25.36
CA LYS A 167 18.17 -6.87 25.59
C LYS A 167 18.00 -7.23 27.05
N TYR A 168 19.07 -7.77 27.61
CA TYR A 168 19.08 -8.15 29.04
C TYR A 168 18.81 -6.89 29.89
N ALA A 169 19.46 -5.77 29.56
CA ALA A 169 19.20 -4.56 30.33
C ALA A 169 17.75 -4.16 30.25
N ILE A 170 17.20 -4.24 29.02
CA ILE A 170 15.83 -3.86 28.86
C ILE A 170 14.88 -4.76 29.62
N GLU A 171 15.17 -6.05 29.63
CA GLU A 171 14.32 -6.94 30.40
C GLU A 171 14.29 -6.52 31.87
N ASN A 172 15.45 -6.09 32.40
CA ASN A 172 15.49 -5.66 33.81
C ASN A 172 14.78 -4.36 34.04
N ILE A 173 14.92 -3.44 33.11
CA ILE A 173 14.23 -2.17 33.26
C ILE A 173 12.73 -2.46 33.40
N LEU A 174 12.24 -3.40 32.56
CA LEU A 174 10.80 -3.72 32.56
C LEU A 174 10.32 -4.32 33.88
N ASN A 175 11.10 -5.27 34.32
CA ASN A 175 10.76 -5.92 35.55
C ASN A 175 10.82 -4.97 36.68
N ASP A 176 11.88 -4.15 36.69
CA ASP A 176 12.04 -3.16 37.71
C ASP A 176 10.89 -2.16 37.66
N LEU A 177 10.51 -1.76 36.46
CA LEU A 177 9.45 -0.80 36.33
C LEU A 177 8.12 -1.35 36.83
N TYR A 178 7.82 -2.59 36.46
CA TYR A 178 6.59 -3.20 36.92
C TYR A 178 6.64 -3.29 38.45
N ASN A 179 7.76 -3.79 38.95
CA ASN A 179 7.86 -3.89 40.37
C ASN A 179 7.66 -2.60 41.13
N SER A 180 7.92 -1.51 40.46
CA SER A 180 7.80 -0.20 41.08
C SER A 180 6.35 0.32 41.11
N ASP A 181 5.47 -0.31 40.40
CA ASP A 181 4.11 0.17 40.34
C ASP A 181 3.33 -0.94 39.69
N LYS A 182 3.37 -2.05 40.41
CA LYS A 182 2.76 -3.29 40.02
C LYS A 182 1.36 -3.26 39.42
N LYS A 183 0.56 -2.26 39.78
CA LYS A 183 -0.79 -2.19 39.26
C LYS A 183 -0.90 -1.38 37.98
N SER A 184 0.17 -0.73 37.52
CA SER A 184 0.05 0.11 36.32
C SER A 184 0.75 -0.38 35.09
N TRP A 185 1.25 -1.59 35.15
CA TRP A 185 1.98 -2.08 34.00
C TRP A 185 1.70 -3.52 33.74
N LYS A 186 1.53 -3.83 32.45
CA LYS A 186 1.27 -5.20 31.99
C LYS A 186 2.28 -5.46 30.89
N PHE A 187 3.31 -6.20 31.22
CA PHE A 187 4.37 -6.43 30.28
C PHE A 187 4.57 -7.85 29.87
N ALA A 188 4.72 -8.02 28.56
CA ALA A 188 4.98 -9.32 28.03
C ALA A 188 6.33 -9.29 27.39
N ILE A 189 7.23 -10.09 27.91
CA ILE A 189 8.56 -10.10 27.33
C ILE A 189 8.66 -11.30 26.45
N LEU A 190 8.91 -11.11 25.17
CA LEU A 190 8.97 -12.25 24.28
C LEU A 190 10.34 -12.53 23.75
N ARG A 191 10.91 -13.71 24.09
CA ARG A 191 12.22 -14.09 23.64
C ARG A 191 12.13 -14.85 22.35
N TYR A 192 12.37 -14.14 21.25
CA TYR A 192 12.33 -14.78 19.98
C TYR A 192 13.57 -15.58 19.78
N PHE A 193 13.41 -16.65 19.04
CA PHE A 193 14.53 -17.49 18.65
C PHE A 193 15.04 -17.02 17.25
N ASN A 194 15.03 -17.82 16.23
CA ASN A 194 15.47 -17.38 14.89
C ASN A 194 14.30 -17.29 13.89
N PRO A 195 13.76 -16.11 13.73
CA PRO A 195 12.64 -15.90 12.86
C PRO A 195 13.09 -15.89 11.43
N ILE A 196 12.35 -16.65 10.63
CA ILE A 196 12.65 -16.77 9.22
C ILE A 196 11.31 -16.85 8.47
N GLY A 197 11.39 -16.73 7.15
CA GLY A 197 10.16 -16.80 6.41
C GLY A 197 9.62 -15.45 5.97
N ALA A 198 8.45 -15.47 5.36
CA ALA A 198 7.79 -14.27 4.86
C ALA A 198 6.32 -14.53 4.80
N HIS A 199 5.53 -13.47 4.70
CA HIS A 199 4.10 -13.63 4.61
C HIS A 199 3.83 -14.46 3.32
N PRO A 200 2.93 -15.45 3.36
CA PRO A 200 2.70 -16.26 2.20
C PRO A 200 2.27 -15.52 0.94
N SER A 201 1.78 -14.32 1.07
CA SER A 201 1.39 -13.59 -0.12
C SER A 201 2.62 -13.21 -0.95
N GLY A 202 3.78 -13.22 -0.30
CA GLY A 202 5.03 -12.86 -1.00
C GLY A 202 5.19 -11.34 -1.12
N LEU A 203 4.26 -10.60 -0.56
CA LEU A 203 4.28 -9.15 -0.63
C LEU A 203 5.24 -8.46 0.34
N ILE A 204 5.49 -9.09 1.48
CA ILE A 204 6.38 -8.49 2.45
C ILE A 204 7.29 -9.59 2.88
N GLY A 205 8.45 -9.19 3.31
CA GLY A 205 9.44 -10.13 3.77
C GLY A 205 10.52 -9.31 4.39
N GLU A 206 11.66 -9.95 4.65
CA GLU A 206 12.81 -9.30 5.21
C GLU A 206 13.67 -8.66 4.12
N ASP A 207 13.91 -7.36 4.29
CA ASP A 207 14.72 -6.66 3.31
C ASP A 207 15.94 -6.04 4.02
N PRO A 208 16.98 -6.87 4.20
CA PRO A 208 18.20 -6.47 4.85
C PRO A 208 18.90 -5.44 3.99
N LEU A 209 18.83 -4.27 4.55
CA LEU A 209 19.40 -3.05 4.03
C LEU A 209 20.95 -3.09 4.08
N GLY A 210 21.67 -3.91 3.29
CA GLY A 210 23.15 -3.92 3.38
C GLY A 210 23.89 -5.21 3.03
N ILE A 211 23.84 -6.23 3.88
CA ILE A 211 24.45 -7.55 3.68
C ILE A 211 23.87 -8.50 4.71
N PRO A 212 23.14 -9.51 4.28
CA PRO A 212 22.57 -10.41 5.24
C PRO A 212 23.52 -10.96 6.31
N ASN A 213 23.15 -10.72 7.56
CA ASN A 213 23.93 -11.26 8.65
C ASN A 213 23.36 -12.64 8.91
N ASN A 214 22.10 -12.78 8.49
CA ASN A 214 21.39 -14.01 8.67
C ASN A 214 21.48 -15.15 7.66
N LEU A 215 21.47 -16.33 8.22
CA LEU A 215 21.55 -17.49 7.40
C LEU A 215 20.63 -17.35 6.16
N LEU A 216 19.35 -17.14 6.47
CA LEU A 216 18.33 -17.05 5.46
C LEU A 216 18.36 -16.01 4.36
N PRO A 217 18.37 -14.79 4.79
CA PRO A 217 18.36 -13.70 3.86
C PRO A 217 19.62 -13.73 3.05
N TYR A 218 20.63 -14.30 3.66
CA TYR A 218 21.86 -14.37 2.94
C TYR A 218 21.75 -15.48 1.86
N MET A 219 21.22 -16.62 2.24
CA MET A 219 21.03 -17.67 1.28
C MET A 219 20.23 -17.10 0.09
N ALA A 220 19.06 -16.50 0.38
CA ALA A 220 18.18 -15.90 -0.61
C ALA A 220 18.97 -14.95 -1.52
N GLN A 221 19.79 -14.05 -0.98
CA GLN A 221 20.55 -13.13 -1.81
C GLN A 221 21.49 -13.86 -2.74
N VAL A 222 21.86 -15.06 -2.34
CA VAL A 222 22.74 -15.81 -3.16
C VAL A 222 21.93 -16.40 -4.30
N ALA A 223 20.85 -17.11 -3.98
CA ALA A 223 20.00 -17.74 -5.00
C ALA A 223 19.52 -16.77 -6.07
N VAL A 224 19.72 -15.49 -5.81
CA VAL A 224 19.24 -14.46 -6.71
C VAL A 224 20.37 -13.65 -7.35
N GLY A 225 21.57 -14.19 -7.10
CA GLY A 225 22.80 -13.61 -7.61
C GLY A 225 23.20 -12.33 -6.92
N ARG A 226 22.62 -12.05 -5.76
CA ARG A 226 23.00 -10.82 -5.11
C ARG A 226 24.31 -10.99 -4.33
N ARG A 227 24.62 -12.26 -4.09
CA ARG A 227 25.81 -12.68 -3.39
C ARG A 227 26.43 -13.79 -4.21
N GLU A 228 27.74 -13.74 -4.33
CA GLU A 228 28.38 -14.78 -5.10
C GLU A 228 28.21 -16.15 -4.51
N LYS A 229 28.52 -16.23 -3.24
CA LYS A 229 28.34 -17.52 -2.63
C LYS A 229 28.11 -17.24 -1.21
N LEU A 230 27.56 -18.29 -0.56
CA LEU A 230 27.27 -18.27 0.87
C LEU A 230 28.27 -19.15 1.59
N TYR A 231 28.62 -18.65 2.77
CA TYR A 231 29.56 -19.40 3.54
C TYR A 231 28.99 -20.03 4.78
N ILE A 232 29.06 -21.38 4.83
CA ILE A 232 28.64 -22.21 5.96
C ILE A 232 29.78 -22.01 6.99
N PHE A 233 29.43 -21.41 8.13
CA PHE A 233 30.39 -21.10 9.21
C PHE A 233 30.60 -22.18 10.28
N ARG A 240 26.63 -31.57 15.97
CA ARG A 240 26.14 -32.94 15.91
C ARG A 240 26.58 -33.52 14.61
N ASP A 241 26.66 -32.58 13.68
CA ASP A 241 27.06 -32.84 12.33
C ASP A 241 28.26 -31.98 12.08
N GLY A 242 28.17 -30.75 12.56
CA GLY A 242 29.32 -29.90 12.39
C GLY A 242 28.92 -28.50 12.65
N THR A 243 27.65 -28.34 12.29
CA THR A 243 26.91 -27.10 12.31
C THR A 243 26.23 -26.59 13.59
N PRO A 244 26.49 -25.31 13.94
CA PRO A 244 25.87 -24.61 15.09
C PRO A 244 24.31 -24.69 15.02
N ILE A 245 23.61 -24.91 16.15
CA ILE A 245 22.15 -25.05 16.16
C ILE A 245 21.27 -23.91 16.60
N ARG A 246 20.09 -23.85 15.93
CA ARG A 246 19.03 -22.87 16.16
C ARG A 246 17.63 -23.41 15.96
N ASP A 247 16.65 -22.59 16.44
CA ASP A 247 15.24 -22.87 16.39
C ASP A 247 14.63 -21.83 15.46
N TYR A 248 14.45 -22.21 14.20
CA TYR A 248 13.95 -21.36 13.15
C TYR A 248 12.47 -21.30 13.16
N ILE A 249 11.96 -20.14 13.52
CA ILE A 249 10.52 -19.91 13.66
C ILE A 249 9.97 -19.07 12.52
N HIS A 250 8.85 -19.52 11.95
CA HIS A 250 8.26 -18.81 10.86
C HIS A 250 7.79 -17.46 11.36
N VAL A 251 8.23 -16.39 10.66
CA VAL A 251 7.84 -15.06 11.05
C VAL A 251 6.31 -14.92 11.26
N VAL A 252 5.49 -15.70 10.56
CA VAL A 252 4.03 -15.59 10.74
C VAL A 252 3.64 -16.22 12.09
N ASP A 253 4.27 -17.35 12.39
CA ASP A 253 3.95 -17.94 13.68
C ASP A 253 4.38 -16.98 14.79
N LEU A 254 5.54 -16.35 14.57
CA LEU A 254 6.04 -15.38 15.56
C LEU A 254 5.03 -14.22 15.80
N ALA A 255 4.56 -13.67 14.70
CA ALA A 255 3.60 -12.58 14.71
C ALA A 255 2.36 -12.98 15.46
N LYS A 256 1.89 -14.20 15.18
CA LYS A 256 0.71 -14.64 15.88
C LYS A 256 0.99 -14.78 17.38
N GLY A 257 2.23 -15.10 17.72
CA GLY A 257 2.57 -15.17 19.12
C GLY A 257 2.35 -13.83 19.79
N HIS A 258 2.42 -12.73 19.03
CA HIS A 258 2.23 -11.42 19.65
C HIS A 258 0.79 -11.14 19.97
N ILE A 259 -0.06 -11.67 19.09
CA ILE A 259 -1.48 -11.49 19.32
C ILE A 259 -1.81 -12.30 20.58
N ALA A 260 -1.20 -13.48 20.72
CA ALA A 260 -1.48 -14.27 21.94
C ALA A 260 -1.02 -13.52 23.19
N ALA A 261 0.11 -12.86 23.08
CA ALA A 261 0.63 -12.12 24.23
C ALA A 261 -0.28 -10.97 24.58
N LEU A 262 -0.69 -10.24 23.56
CA LEU A 262 -1.59 -9.11 23.82
C LEU A 262 -2.88 -9.60 24.53
N GLN A 263 -3.50 -10.67 24.06
CA GLN A 263 -4.74 -11.16 24.68
C GLN A 263 -4.52 -11.55 26.11
N TYR A 264 -3.35 -12.11 26.40
CA TYR A 264 -3.00 -12.50 27.76
C TYR A 264 -2.98 -11.26 28.60
N LEU A 265 -2.35 -10.20 28.11
CA LEU A 265 -2.35 -8.95 28.90
C LEU A 265 -3.76 -8.38 29.13
N GLU A 266 -4.54 -8.51 28.06
CA GLU A 266 -5.90 -8.06 27.99
C GLU A 266 -6.82 -8.82 28.96
N ALA A 267 -6.45 -10.07 29.29
CA ALA A 267 -7.23 -10.86 30.25
C ALA A 267 -7.16 -10.30 31.67
N TYR A 268 -6.06 -9.59 31.97
CA TYR A 268 -5.81 -8.99 33.26
C TYR A 268 -6.70 -7.77 33.55
N ASN A 269 -6.98 -7.52 34.85
CA ASN A 269 -7.82 -6.40 35.26
C ASN A 269 -7.20 -5.07 35.05
N GLU A 270 -8.04 -4.06 34.82
CA GLU A 270 -7.52 -2.71 34.62
C GLU A 270 -6.65 -2.25 35.78
N ASN A 271 -7.07 -2.75 36.91
CA ASN A 271 -6.49 -2.48 38.20
C ASN A 271 -5.35 -3.44 38.55
N GLU A 272 -5.07 -4.46 37.74
CA GLU A 272 -4.01 -5.43 38.01
C GLU A 272 -2.85 -5.21 37.06
N GLY A 273 -1.66 -5.76 37.40
CA GLY A 273 -0.51 -5.66 36.52
C GLY A 273 0.27 -6.96 36.50
N LEU A 274 1.26 -7.06 35.62
CA LEU A 274 2.10 -8.23 35.57
C LEU A 274 3.30 -7.96 34.72
N CYS A 275 4.29 -8.83 34.96
CA CYS A 275 5.53 -8.87 34.18
C CYS A 275 5.93 -10.34 33.96
N ARG A 276 5.96 -10.80 32.70
CA ARG A 276 6.35 -12.19 32.50
C ARG A 276 6.98 -12.35 31.15
N GLU A 277 7.73 -13.38 31.05
CA GLU A 277 8.44 -13.70 29.84
C GLU A 277 8.12 -15.07 29.26
N TRP A 278 8.22 -15.16 27.93
CA TRP A 278 7.94 -16.37 27.17
C TRP A 278 8.89 -16.51 26.04
N ASN A 279 9.39 -17.73 25.83
CA ASN A 279 10.23 -17.97 24.69
C ASN A 279 9.25 -18.13 23.53
N LEU A 280 9.59 -17.62 22.38
CA LEU A 280 8.72 -17.87 21.25
C LEU A 280 9.59 -18.63 20.29
N GLY A 281 9.41 -19.94 20.23
CA GLY A 281 10.20 -20.74 19.30
C GLY A 281 9.39 -22.00 18.89
N SER A 282 9.93 -22.81 17.96
CA SER A 282 9.25 -24.03 17.53
C SER A 282 9.58 -25.18 18.48
N GLY A 283 10.74 -25.09 19.13
CA GLY A 283 11.16 -26.16 20.03
C GLY A 283 11.98 -27.17 19.22
N LYS A 284 12.07 -26.93 17.92
CA LYS A 284 12.82 -27.74 16.98
C LYS A 284 14.18 -27.14 16.63
N GLY A 285 15.25 -27.91 16.89
CA GLY A 285 16.60 -27.45 16.61
C GLY A 285 16.98 -27.73 15.16
N SER A 286 17.56 -26.73 14.47
CA SER A 286 17.94 -26.94 13.07
C SER A 286 19.39 -26.70 12.78
N THR A 287 19.83 -27.78 12.13
CA THR A 287 21.15 -28.04 11.63
C THR A 287 21.35 -27.10 10.47
N VAL A 288 22.34 -26.23 10.57
CA VAL A 288 22.49 -25.33 9.45
C VAL A 288 22.25 -25.97 8.08
N PHE A 289 22.98 -27.03 7.84
CA PHE A 289 22.87 -27.75 6.60
C PHE A 289 21.42 -28.07 6.34
N GLU A 290 20.81 -28.65 7.38
CA GLU A 290 19.43 -29.08 7.33
C GLU A 290 18.54 -28.02 6.70
N VAL A 291 18.93 -26.76 6.96
CA VAL A 291 18.28 -25.52 6.52
C VAL A 291 18.55 -25.33 5.04
N TYR A 292 19.86 -25.29 4.78
CA TYR A 292 20.43 -25.17 3.45
C TYR A 292 19.60 -26.05 2.53
N HIS A 293 19.58 -27.32 2.89
CA HIS A 293 18.83 -28.30 2.14
C HIS A 293 17.37 -27.97 1.98
N ALA A 294 16.77 -27.46 3.08
CA ALA A 294 15.37 -27.10 3.06
C ALA A 294 15.24 -25.94 2.06
N PHE A 295 16.21 -25.07 2.14
CA PHE A 295 16.21 -23.96 1.26
C PHE A 295 16.41 -24.36 -0.20
N CYS A 296 17.47 -25.12 -0.44
CA CYS A 296 17.76 -25.57 -1.79
C CYS A 296 16.55 -26.29 -2.30
N LYS A 297 15.97 -27.11 -1.41
CA LYS A 297 14.77 -27.84 -1.82
C LYS A 297 13.66 -26.88 -2.27
N ALA A 298 13.42 -25.84 -1.44
CA ALA A 298 12.43 -24.77 -1.62
C ALA A 298 12.64 -23.92 -2.88
N SER A 299 13.89 -23.49 -3.06
CA SER A 299 14.27 -22.68 -4.16
C SER A 299 14.63 -23.46 -5.40
N GLY A 300 14.68 -24.78 -5.26
CA GLY A 300 15.06 -25.62 -6.36
C GLY A 300 16.46 -25.29 -6.89
N ILE A 301 17.37 -24.82 -6.05
CA ILE A 301 18.73 -24.41 -6.41
C ILE A 301 19.80 -24.92 -5.47
N ASP A 302 21.03 -25.02 -5.96
CA ASP A 302 22.15 -25.48 -5.16
C ASP A 302 23.02 -24.35 -4.76
N LEU A 303 22.81 -23.78 -3.64
CA LEU A 303 23.71 -22.70 -3.38
C LEU A 303 25.08 -23.29 -3.19
N PRO A 304 26.07 -22.40 -3.09
CA PRO A 304 27.41 -22.82 -2.86
C PRO A 304 27.44 -22.97 -1.37
N TYR A 305 28.58 -23.36 -0.84
CA TYR A 305 28.69 -23.47 0.58
C TYR A 305 30.09 -23.94 0.89
N VAL A 315 27.48 -19.89 19.67
CA VAL A 315 26.93 -20.78 20.69
C VAL A 315 26.63 -22.12 20.10
N LEU A 316 26.85 -23.17 20.82
CA LEU A 316 26.53 -24.33 20.07
C LEU A 316 25.09 -24.34 19.65
N ASN A 317 24.24 -24.58 20.62
CA ASN A 317 22.84 -24.76 20.47
C ASN A 317 22.00 -23.63 20.98
N LEU A 318 20.82 -23.47 20.39
CA LEU A 318 19.92 -22.42 20.80
C LEU A 318 18.50 -22.76 20.37
N THR A 319 17.94 -23.74 21.06
CA THR A 319 16.61 -24.30 20.84
C THR A 319 15.75 -23.92 22.01
N ALA A 320 14.55 -23.45 21.72
CA ALA A 320 13.67 -23.04 22.76
C ALA A 320 12.87 -24.17 23.36
N LYS A 321 12.57 -24.07 24.65
CA LYS A 321 11.66 -24.99 25.29
C LYS A 321 10.37 -24.15 25.18
N PRO A 322 9.37 -24.62 24.42
CA PRO A 322 8.18 -23.79 24.19
C PRO A 322 6.95 -24.04 25.04
N ASP A 323 7.14 -24.85 26.06
CA ASP A 323 6.04 -25.25 26.92
C ASP A 323 5.30 -24.15 27.62
N ARG A 324 6.01 -23.15 28.16
CA ARG A 324 5.31 -22.11 28.86
C ARG A 324 4.33 -21.33 28.00
N ALA A 325 4.77 -20.94 26.78
CA ALA A 325 3.94 -20.19 25.84
C ALA A 325 2.68 -20.99 25.46
N LYS A 326 2.90 -22.26 25.16
CA LYS A 326 1.85 -23.22 24.80
C LYS A 326 0.82 -23.30 25.90
N ARG A 327 1.30 -23.46 27.11
CA ARG A 327 0.38 -23.57 28.21
C ARG A 327 -0.28 -22.27 28.64
N GLU A 328 0.48 -21.18 28.64
CA GLU A 328 -0.07 -19.91 29.12
C GLU A 328 -0.61 -18.97 28.10
N LEU A 329 0.11 -18.91 27.00
CA LEU A 329 -0.36 -17.98 25.95
C LEU A 329 -1.32 -18.71 25.01
N LYS A 330 -1.33 -20.06 25.18
CA LYS A 330 -2.09 -21.00 24.35
C LYS A 330 -1.59 -20.87 22.92
N TRP A 331 -0.27 -20.74 22.78
CA TRP A 331 0.27 -20.53 21.47
C TRP A 331 1.37 -21.50 21.20
N GLN A 332 1.51 -21.87 19.95
CA GLN A 332 2.61 -22.71 19.54
C GLN A 332 2.84 -22.54 18.05
N THR A 333 4.03 -22.85 17.55
CA THR A 333 4.20 -22.70 16.11
C THR A 333 3.33 -23.71 15.36
N GLU A 334 2.90 -23.35 14.19
CA GLU A 334 2.11 -24.24 13.35
C GLU A 334 2.75 -24.47 11.99
N LEU A 335 3.82 -23.74 11.69
CA LEU A 335 4.47 -23.87 10.40
C LEU A 335 5.76 -24.61 10.54
N GLN A 336 6.26 -25.10 9.40
CA GLN A 336 7.52 -25.83 9.30
C GLN A 336 8.60 -25.02 8.64
N VAL A 337 9.82 -25.54 8.79
CA VAL A 337 10.95 -24.91 8.18
C VAL A 337 10.71 -24.89 6.68
N GLU A 338 10.09 -25.95 6.17
CA GLU A 338 9.76 -26.02 4.76
C GLU A 338 8.88 -24.87 4.31
N ASP A 339 7.84 -24.59 5.09
CA ASP A 339 6.94 -23.48 4.85
C ASP A 339 7.74 -22.19 4.93
N SER A 340 8.58 -22.02 5.98
CA SER A 340 9.40 -20.82 6.07
C SER A 340 10.19 -20.64 4.78
N CYS A 341 10.79 -21.73 4.30
CA CYS A 341 11.61 -21.72 3.09
C CYS A 341 10.84 -21.38 1.80
N LYS A 342 9.67 -21.99 1.64
CA LYS A 342 8.83 -21.71 0.49
C LYS A 342 8.40 -20.23 0.50
N ASP A 343 7.91 -19.80 1.66
CA ASP A 343 7.41 -18.43 1.83
C ASP A 343 8.53 -17.41 1.59
N LEU A 344 9.73 -17.73 2.11
CA LEU A 344 10.81 -16.82 1.87
C LEU A 344 11.10 -16.83 0.39
N TRP A 345 11.04 -18.02 -0.23
CA TRP A 345 11.35 -18.11 -1.63
C TRP A 345 10.33 -17.34 -2.48
N LYS A 346 9.11 -17.30 -2.04
CA LYS A 346 8.16 -16.54 -2.83
C LYS A 346 8.45 -15.05 -2.80
N TRP A 347 8.69 -14.55 -1.60
CA TRP A 347 8.96 -13.14 -1.41
C TRP A 347 10.20 -12.77 -2.21
N THR A 348 11.17 -13.69 -2.19
CA THR A 348 12.44 -13.49 -2.88
C THR A 348 12.27 -13.42 -4.39
N THR A 349 11.56 -14.38 -4.98
CA THR A 349 11.34 -14.42 -6.42
C THR A 349 10.47 -13.25 -6.88
N GLU A 350 9.51 -12.89 -6.06
CA GLU A 350 8.68 -11.78 -6.42
C GLU A 350 9.45 -10.50 -6.22
N ASN A 351 10.36 -10.40 -5.24
CA ASN A 351 11.10 -9.15 -5.00
C ASN A 351 12.59 -9.43 -4.74
N PRO A 352 13.29 -9.90 -5.76
CA PRO A 352 14.70 -10.25 -5.65
C PRO A 352 15.61 -9.19 -5.04
N PHE A 353 15.27 -7.93 -5.26
CA PHE A 353 16.04 -6.83 -4.74
C PHE A 353 15.30 -6.20 -3.56
N GLY A 354 14.23 -6.84 -3.07
CA GLY A 354 13.51 -6.27 -1.93
C GLY A 354 12.60 -5.14 -2.43
N TYR A 355 12.25 -4.22 -1.54
CA TYR A 355 11.36 -3.09 -1.88
C TYR A 355 11.94 -2.01 -2.78
N GLN A 356 13.23 -1.73 -2.66
CA GLN A 356 13.85 -0.68 -3.47
C GLN A 356 14.07 -1.14 -4.85
N LEU A 357 13.62 -0.28 -5.77
CA LEU A 357 13.70 -0.60 -7.18
C LEU A 357 14.32 0.48 -8.04
N ARG A 358 15.16 0.07 -8.99
CA ARG A 358 15.72 1.07 -9.89
C ARG A 358 14.56 1.49 -10.78
N GLY A 359 14.39 2.77 -11.06
CA GLY A 359 13.29 3.20 -11.92
C GLY A 359 12.07 3.61 -11.14
N VAL A 360 12.21 3.60 -9.82
CA VAL A 360 11.13 3.99 -8.96
C VAL A 360 11.64 5.07 -8.03
N GLU A 361 10.96 6.18 -7.97
CA GLU A 361 11.41 7.23 -7.04
C GLU A 361 10.20 7.79 -6.34
N ALA A 362 10.36 8.39 -5.18
CA ALA A 362 9.24 9.03 -4.46
C ALA A 362 9.67 10.35 -3.80
N ARG A 363 8.71 11.24 -3.62
CA ARG A 363 8.93 12.48 -2.93
C ARG A 363 7.68 12.88 -2.14
N PHE A 364 7.84 13.75 -1.12
CA PHE A 364 6.72 14.23 -0.31
C PHE A 364 5.88 15.20 -1.18
N SER A 365 4.55 15.16 -1.06
CA SER A 365 3.66 16.00 -1.85
C SER A 365 2.86 16.93 -0.95
N ALA A 366 3.08 16.78 0.38
CA ALA A 366 2.50 17.60 1.46
C ALA A 366 3.63 17.94 2.46
N GLU A 367 3.39 17.83 3.77
CA GLU A 367 4.43 18.15 4.75
C GLU A 367 5.53 17.12 4.76
N ASP A 368 6.69 17.61 5.14
CA ASP A 368 7.85 16.80 5.23
C ASP A 368 7.51 15.60 6.05
N MET A 369 8.01 14.46 5.63
CA MET A 369 7.75 13.26 6.38
C MET A 369 6.34 12.80 6.43
N ARG A 370 5.44 13.32 5.61
CA ARG A 370 4.07 12.79 5.66
C ARG A 370 4.06 11.68 4.61
N TYR A 371 4.29 10.41 4.99
CA TYR A 371 4.45 9.29 4.06
C TYR A 371 3.27 8.85 3.20
N ASP A 372 2.08 9.14 3.68
CA ASP A 372 0.86 8.79 2.96
C ASP A 372 0.47 9.93 1.99
N ALA A 373 1.32 10.94 1.92
CA ALA A 373 1.15 12.07 1.03
C ALA A 373 2.43 12.14 0.20
N ARG A 374 2.56 11.19 -0.74
CA ARG A 374 3.74 11.12 -1.64
C ARG A 374 3.35 11.07 -3.12
N PHE A 375 4.31 11.45 -3.96
CA PHE A 375 4.18 11.42 -5.39
C PHE A 375 5.20 10.37 -5.75
N VAL A 376 4.76 9.22 -6.30
CA VAL A 376 5.69 8.13 -6.65
C VAL A 376 5.81 8.03 -8.12
N THR A 377 7.05 8.00 -8.64
CA THR A 377 7.29 7.88 -10.03
C THR A 377 7.86 6.50 -10.33
N ILE A 378 7.23 5.86 -11.32
CA ILE A 378 7.62 4.57 -11.83
C ILE A 378 8.06 4.74 -13.26
N GLY A 379 9.09 4.02 -13.70
CA GLY A 379 9.57 4.25 -15.06
C GLY A 379 10.49 5.50 -14.95
N ALA A 380 10.89 5.79 -13.71
CA ALA A 380 11.75 6.93 -13.49
C ALA A 380 13.03 6.83 -14.29
N GLY A 381 13.44 7.95 -14.88
CA GLY A 381 14.67 8.00 -15.66
C GLY A 381 14.57 7.32 -17.01
N THR A 382 13.36 7.05 -17.46
CA THR A 382 13.24 6.39 -18.73
C THR A 382 12.45 7.28 -19.68
N ARG A 383 12.25 6.72 -20.84
CA ARG A 383 11.50 7.37 -21.89
C ARG A 383 10.00 7.37 -21.59
N PHE A 384 9.56 6.74 -20.48
CA PHE A 384 8.14 6.77 -20.15
C PHE A 384 8.02 6.73 -18.65
N GLN A 385 7.85 7.92 -18.01
CA GLN A 385 7.81 8.09 -16.55
C GLN A 385 6.40 8.45 -16.08
N ALA A 386 5.84 7.67 -15.16
CA ALA A 386 4.49 7.94 -14.65
C ALA A 386 4.52 8.28 -13.15
N THR A 387 3.92 9.42 -12.74
CA THR A 387 3.90 9.82 -11.30
C THR A 387 2.53 9.73 -10.73
N PHE A 388 2.36 9.07 -9.60
CA PHE A 388 1.01 8.95 -9.05
C PHE A 388 0.99 9.46 -7.63
N ALA A 389 -0.18 9.91 -7.17
CA ALA A 389 -0.30 10.41 -5.79
C ALA A 389 -1.29 9.59 -5.00
N ASN A 390 -1.07 9.50 -3.69
CA ASN A 390 -2.05 8.79 -2.86
C ASN A 390 -3.39 9.55 -2.95
N LEU A 391 -3.27 10.88 -2.97
CA LEU A 391 -4.44 11.72 -3.04
C LEU A 391 -5.18 11.55 -4.39
N GLY A 392 -6.40 11.00 -4.38
CA GLY A 392 -7.19 10.80 -5.59
C GLY A 392 -6.59 9.73 -6.47
N ALA A 393 -5.57 8.99 -5.98
CA ALA A 393 -4.82 7.97 -6.76
C ALA A 393 -4.52 8.67 -8.10
N SER A 394 -4.17 9.95 -8.00
CA SER A 394 -3.99 10.80 -9.16
C SER A 394 -2.81 10.53 -10.00
N ILE A 395 -3.03 10.81 -11.29
CA ILE A 395 -1.94 10.72 -12.26
C ILE A 395 -1.35 12.12 -12.28
N VAL A 396 -0.26 12.31 -11.51
CA VAL A 396 0.44 13.59 -11.35
C VAL A 396 1.17 14.02 -12.64
N ASP A 397 1.80 13.03 -13.31
CA ASP A 397 2.48 13.37 -14.53
C ASP A 397 2.72 12.13 -15.33
N LEU A 398 2.87 12.38 -16.63
CA LEU A 398 3.21 11.39 -17.61
C LEU A 398 4.26 12.06 -18.49
N LYS A 399 5.48 11.51 -18.56
CA LYS A 399 6.52 12.08 -19.41
C LYS A 399 6.89 11.08 -20.48
N VAL A 400 6.79 11.52 -21.75
CA VAL A 400 7.11 10.70 -22.87
C VAL A 400 8.37 11.26 -23.47
N ASN A 401 9.44 10.44 -23.53
CA ASN A 401 10.68 10.99 -24.07
C ASN A 401 11.08 12.30 -23.37
N GLY A 402 10.85 12.32 -22.05
CA GLY A 402 11.24 13.44 -21.24
C GLY A 402 10.32 14.63 -21.25
N GLN A 403 9.26 14.50 -21.98
CA GLN A 403 8.35 15.58 -22.02
C GLN A 403 7.01 15.28 -21.37
N SER A 404 6.61 16.10 -20.39
CA SER A 404 5.34 15.99 -19.72
C SER A 404 4.21 16.24 -20.73
N VAL A 405 3.22 15.34 -20.72
CA VAL A 405 2.07 15.40 -21.62
C VAL A 405 0.71 15.59 -20.94
N VAL A 406 0.71 15.81 -19.59
CA VAL A 406 -0.57 15.99 -18.90
C VAL A 406 -0.48 17.18 -17.98
N LEU A 407 -1.63 17.75 -17.62
CA LEU A 407 -1.57 18.84 -16.69
C LEU A 407 -1.51 18.31 -15.24
N GLY A 408 -0.88 19.10 -14.37
CA GLY A 408 -0.81 18.67 -12.96
C GLY A 408 -0.31 19.76 -12.07
N TYR A 409 -0.14 19.45 -10.80
CA TYR A 409 0.35 20.45 -9.85
C TYR A 409 1.63 19.93 -9.17
N GLU A 410 2.47 20.84 -8.66
CA GLU A 410 3.73 20.50 -8.00
C GLU A 410 3.52 19.73 -6.67
N ASN A 411 2.38 19.99 -6.02
CA ASN A 411 2.06 19.38 -4.75
C ASN A 411 0.60 19.12 -4.58
N GLU A 412 0.28 18.60 -3.41
CA GLU A 412 -1.11 18.34 -3.14
C GLU A 412 -1.93 19.60 -3.05
N GLU A 413 -1.30 20.69 -2.65
CA GLU A 413 -2.05 21.92 -2.51
C GLU A 413 -2.88 22.27 -3.74
N GLY A 414 -2.21 22.22 -4.89
CA GLY A 414 -2.90 22.52 -6.13
C GLY A 414 -4.09 21.59 -6.38
N TYR A 415 -3.96 20.30 -6.04
CA TYR A 415 -5.04 19.33 -6.27
C TYR A 415 -6.19 19.58 -5.35
N LEU A 416 -5.81 20.12 -4.21
CA LEU A 416 -6.80 20.38 -3.21
C LEU A 416 -7.60 21.67 -3.36
N ASN A 417 -7.29 22.49 -4.38
CA ASN A 417 -8.00 23.75 -4.65
C ASN A 417 -9.50 23.48 -4.63
N PRO A 418 -10.27 24.39 -4.03
CA PRO A 418 -11.72 24.19 -3.97
C PRO A 418 -12.37 24.40 -5.32
N ASP A 419 -11.63 25.02 -6.21
CA ASP A 419 -12.18 25.24 -7.49
C ASP A 419 -11.62 24.25 -8.51
N SER A 420 -11.61 23.02 -8.07
CA SER A 420 -11.11 21.91 -8.84
C SER A 420 -11.66 21.71 -10.24
N ALA A 421 -10.73 21.31 -11.14
CA ALA A 421 -11.05 20.94 -12.52
C ALA A 421 -10.86 19.44 -12.62
N TYR A 422 -10.59 18.85 -11.45
CA TYR A 422 -10.41 17.40 -11.25
C TYR A 422 -9.20 16.88 -12.00
N ILE A 423 -8.25 17.78 -12.24
CA ILE A 423 -7.04 17.38 -12.99
C ILE A 423 -6.35 16.12 -12.48
N GLY A 424 -6.18 15.18 -13.43
CA GLY A 424 -5.51 13.87 -13.23
C GLY A 424 -6.15 12.93 -12.24
N ALA A 425 -7.33 13.25 -11.72
CA ALA A 425 -7.86 12.43 -10.67
C ALA A 425 -8.62 11.18 -11.00
N THR A 426 -8.72 10.32 -10.00
CA THR A 426 -9.61 9.16 -10.12
C THR A 426 -10.96 9.81 -9.79
N ILE A 427 -12.00 9.61 -10.60
CA ILE A 427 -13.34 10.17 -10.37
C ILE A 427 -14.14 9.01 -9.77
N GLY A 428 -14.84 9.24 -8.65
CA GLY A 428 -15.62 8.19 -8.05
C GLY A 428 -16.47 8.78 -6.93
N ARG A 429 -17.49 8.05 -6.53
CA ARG A 429 -17.82 6.74 -7.06
C ARG A 429 -18.53 6.84 -8.38
N TYR A 430 -19.08 8.02 -8.69
CA TYR A 430 -19.86 8.13 -9.91
C TYR A 430 -19.40 9.30 -10.75
N ALA A 431 -18.85 8.99 -11.93
CA ALA A 431 -18.38 10.06 -12.84
C ALA A 431 -19.48 10.78 -13.61
N ASN A 432 -19.24 12.04 -13.91
CA ASN A 432 -20.19 12.85 -14.65
C ASN A 432 -21.50 13.11 -13.92
N ARG A 433 -22.52 13.51 -14.67
CA ARG A 433 -23.77 13.88 -14.07
C ARG A 433 -24.83 12.85 -13.77
N ILE A 434 -25.46 13.20 -12.63
CA ILE A 434 -26.58 12.50 -12.05
C ILE A 434 -27.70 13.51 -11.94
N SER A 435 -28.82 13.26 -12.67
CA SER A 435 -29.92 14.22 -12.66
C SER A 435 -30.41 14.68 -11.33
N LYS A 436 -30.31 16.01 -11.11
CA LYS A 436 -30.74 16.63 -9.86
C LYS A 436 -30.11 15.99 -8.63
N GLY A 437 -29.08 15.16 -8.85
CA GLY A 437 -28.44 14.56 -7.72
C GLY A 437 -29.24 13.43 -7.12
N LYS A 438 -30.31 13.04 -7.77
CA LYS A 438 -31.05 11.98 -7.14
C LYS A 438 -31.07 10.70 -7.92
N PHE A 439 -31.26 9.63 -7.16
CA PHE A 439 -31.41 8.32 -7.76
C PHE A 439 -32.03 7.42 -6.74
N SER A 440 -32.50 6.29 -7.23
CA SER A 440 -33.10 5.34 -6.36
C SER A 440 -32.47 4.05 -6.66
N LEU A 441 -32.45 3.22 -5.65
CA LEU A 441 -31.82 1.96 -5.79
C LEU A 441 -32.38 1.08 -4.70
N CYS A 442 -32.60 -0.16 -5.10
CA CYS A 442 -33.12 -1.10 -4.15
C CYS A 442 -34.35 -0.45 -3.55
N ASN A 443 -35.10 0.17 -4.45
CA ASN A 443 -36.31 0.82 -4.02
C ASN A 443 -36.09 1.76 -2.84
N LYS A 444 -35.05 2.57 -2.91
CA LYS A 444 -34.77 3.54 -1.88
C LYS A 444 -34.33 4.77 -2.64
N ASP A 445 -34.68 5.94 -2.16
CA ASP A 445 -34.36 7.14 -2.89
C ASP A 445 -33.20 7.88 -2.30
N TYR A 446 -32.25 8.24 -3.16
CA TYR A 446 -31.12 8.94 -2.62
C TYR A 446 -31.01 10.32 -3.19
N GLN A 447 -30.45 11.17 -2.36
CA GLN A 447 -30.18 12.52 -2.73
C GLN A 447 -28.68 12.86 -2.52
N LEU A 448 -27.97 13.23 -3.62
CA LEU A 448 -26.56 13.62 -3.53
C LEU A 448 -26.44 15.13 -3.55
N THR A 449 -25.41 15.67 -2.94
CA THR A 449 -25.22 17.11 -2.95
C THR A 449 -25.04 17.65 -4.38
N VAL A 450 -25.89 18.61 -4.73
CA VAL A 450 -25.86 19.27 -6.02
C VAL A 450 -24.71 20.24 -6.03
N ASN A 451 -23.90 20.17 -7.08
CA ASN A 451 -22.72 21.03 -7.15
C ASN A 451 -22.47 21.59 -8.54
N ASN A 452 -23.20 21.10 -9.53
CA ASN A 452 -22.98 21.53 -10.89
C ASN A 452 -24.35 21.78 -11.52
N GLY A 453 -24.65 23.08 -11.66
CA GLY A 453 -25.95 23.49 -12.16
C GLY A 453 -27.01 22.89 -11.20
N VAL A 454 -27.99 22.14 -11.72
CA VAL A 454 -29.02 21.53 -10.89
C VAL A 454 -28.69 20.07 -10.60
N ASN A 455 -27.49 19.66 -11.02
CA ASN A 455 -27.13 18.26 -10.80
C ASN A 455 -25.92 18.11 -9.93
N ALA A 456 -25.66 16.84 -9.65
CA ALA A 456 -24.47 16.42 -8.90
C ALA A 456 -23.52 15.88 -10.00
N ASN A 457 -22.37 16.53 -10.17
CA ASN A 457 -21.42 16.07 -11.16
C ASN A 457 -20.22 15.44 -10.46
N HIS A 458 -19.69 14.36 -11.00
CA HIS A 458 -18.52 13.75 -10.38
C HIS A 458 -18.65 13.42 -8.87
N SER A 459 -19.85 13.03 -8.43
CA SER A 459 -20.21 12.61 -7.08
C SER A 459 -20.06 13.70 -6.00
N SER A 460 -19.93 14.92 -6.48
CA SER A 460 -19.78 16.10 -5.68
C SER A 460 -18.99 15.91 -4.39
N ILE A 461 -19.66 16.00 -3.27
CA ILE A 461 -18.90 15.91 -2.04
C ILE A 461 -18.15 14.64 -1.77
N GLY A 462 -18.60 13.54 -2.34
CA GLY A 462 -17.90 12.30 -2.10
C GLY A 462 -16.81 12.02 -3.14
N SER A 463 -16.45 13.01 -3.97
CA SER A 463 -15.46 12.84 -5.04
C SER A 463 -14.13 12.18 -4.59
N PHE A 464 -13.69 11.15 -5.30
CA PHE A 464 -12.47 10.45 -4.98
C PHE A 464 -11.23 11.32 -5.16
N HIS A 465 -11.38 12.39 -5.91
CA HIS A 465 -10.27 13.26 -6.22
C HIS A 465 -9.67 13.83 -4.95
N ARG A 466 -10.46 13.89 -3.88
CA ARG A 466 -9.93 14.47 -2.65
C ARG A 466 -9.70 13.40 -1.65
N LYS A 467 -9.94 12.16 -1.99
CA LYS A 467 -9.76 11.12 -0.99
C LYS A 467 -8.37 10.51 -1.06
N ARG A 468 -7.85 10.16 0.10
CA ARG A 468 -6.51 9.60 0.17
C ARG A 468 -6.52 8.08 0.10
N PHE A 469 -5.87 7.55 -0.93
CA PHE A 469 -5.83 6.11 -1.10
C PHE A 469 -4.68 5.44 -0.32
N LEU A 470 -4.89 4.14 -0.04
CA LEU A 470 -3.94 3.25 0.63
C LEU A 470 -2.83 2.85 -0.36
N GLY A 471 -1.60 2.55 0.15
CA GLY A 471 -0.52 2.13 -0.71
C GLY A 471 0.42 3.23 -1.01
N PRO A 472 1.07 3.11 -2.16
CA PRO A 472 0.85 2.00 -3.06
C PRO A 472 1.77 0.81 -2.85
N ILE A 473 1.46 -0.28 -3.61
CA ILE A 473 2.28 -1.47 -3.73
C ILE A 473 2.94 -1.20 -5.06
N ILE A 474 4.26 -1.16 -5.13
CA ILE A 474 4.97 -0.92 -6.37
C ILE A 474 5.79 -2.16 -6.75
N GLN A 475 5.69 -2.58 -7.99
CA GLN A 475 6.47 -3.72 -8.41
C GLN A 475 7.11 -3.42 -9.76
N ASN A 476 8.13 -4.21 -10.07
CA ASN A 476 8.83 -4.17 -11.36
C ASN A 476 8.92 -5.63 -11.75
N PRO A 477 7.77 -6.15 -12.09
CA PRO A 477 7.62 -7.56 -12.40
C PRO A 477 8.42 -8.06 -13.56
N SER A 478 8.77 -7.20 -14.50
CA SER A 478 9.54 -7.65 -15.65
C SER A 478 10.24 -6.48 -16.22
N LYS A 479 11.20 -6.73 -17.11
CA LYS A 479 11.95 -5.67 -17.73
C LYS A 479 11.01 -4.69 -18.39
N ASP A 480 11.22 -3.42 -18.07
CA ASP A 480 10.43 -2.38 -18.65
C ASP A 480 9.02 -2.29 -18.13
N VAL A 481 8.64 -3.13 -17.19
CA VAL A 481 7.30 -3.05 -16.67
C VAL A 481 7.32 -2.72 -15.21
N PHE A 482 6.49 -1.74 -14.86
CA PHE A 482 6.29 -1.28 -13.49
C PHE A 482 4.81 -1.20 -13.15
N THR A 483 4.48 -1.55 -11.91
CA THR A 483 3.08 -1.46 -11.52
C THR A 483 2.93 -0.71 -10.20
N ALA A 484 1.79 -0.04 -10.05
CA ALA A 484 1.43 0.71 -8.84
C ALA A 484 -0.02 0.40 -8.54
N GLU A 485 -0.28 -0.06 -7.34
CA GLU A 485 -1.59 -0.40 -6.94
C GLU A 485 -2.00 0.37 -5.69
N TYR A 486 -3.17 0.97 -5.83
CA TYR A 486 -3.76 1.75 -4.75
C TYR A 486 -5.10 1.19 -4.36
N MET A 487 -5.58 1.50 -3.15
CA MET A 487 -6.85 0.97 -2.71
C MET A 487 -7.64 2.04 -1.99
N LEU A 488 -8.95 1.93 -2.00
CA LEU A 488 -9.71 2.94 -1.29
C LEU A 488 -10.82 2.25 -0.53
N ILE A 489 -10.96 2.63 0.72
CA ILE A 489 -12.03 2.10 1.55
C ILE A 489 -13.04 3.25 1.66
N ASP A 490 -14.21 3.11 1.08
CA ASP A 490 -15.21 4.17 1.07
C ASP A 490 -16.46 3.68 1.78
N ASN A 491 -16.54 3.98 3.07
CA ASN A 491 -17.67 3.53 3.87
C ASN A 491 -18.94 4.38 3.75
N GLU A 492 -20.03 3.64 3.78
CA GLU A 492 -21.33 4.25 3.70
C GLU A 492 -21.46 5.37 4.70
N LYS A 493 -21.08 5.06 5.91
CA LYS A 493 -21.18 6.05 6.94
C LYS A 493 -20.54 7.37 6.58
N ASP A 494 -19.62 7.36 5.62
CA ASP A 494 -18.95 8.59 5.32
C ASP A 494 -19.39 9.20 4.01
N THR A 495 -20.42 8.67 3.38
CA THR A 495 -20.75 9.27 2.12
C THR A 495 -22.25 9.31 1.91
N GLU A 496 -22.69 10.11 0.95
CA GLU A 496 -24.10 10.16 0.59
C GLU A 496 -24.53 8.91 -0.11
N PHE A 497 -23.60 8.11 -0.62
CA PHE A 497 -24.04 6.90 -1.29
C PHE A 497 -24.30 5.78 -0.28
N PRO A 498 -25.05 4.79 -0.74
CA PRO A 498 -25.33 3.62 0.08
C PRO A 498 -24.20 2.59 -0.02
N GLY A 499 -23.94 1.81 1.04
CA GLY A 499 -22.94 0.75 1.01
C GLY A 499 -21.48 1.09 1.29
N ASP A 500 -20.75 0.05 1.74
CA ASP A 500 -19.32 0.12 2.01
C ASP A 500 -18.64 -0.49 0.82
N LEU A 501 -18.01 0.41 0.08
CA LEU A 501 -17.29 0.04 -1.12
C LEU A 501 -15.77 -0.07 -0.97
N LEU A 502 -15.23 -1.14 -1.53
CA LEU A 502 -13.78 -1.29 -1.52
C LEU A 502 -13.33 -1.08 -2.97
N VAL A 503 -12.37 -0.19 -3.19
CA VAL A 503 -11.96 0.00 -4.58
C VAL A 503 -10.48 -0.27 -4.73
N THR A 504 -10.05 -0.86 -5.87
CA THR A 504 -8.62 -1.04 -6.11
C THR A 504 -8.29 -0.44 -7.47
N ILE A 505 -7.12 0.15 -7.59
CA ILE A 505 -6.63 0.75 -8.83
C ILE A 505 -5.25 0.19 -9.14
N GLN A 506 -5.16 -0.49 -10.26
CA GLN A 506 -3.89 -1.02 -10.62
C GLN A 506 -3.33 -0.33 -11.84
N TYR A 507 -2.21 0.34 -11.70
CA TYR A 507 -1.61 1.05 -12.85
C TYR A 507 -0.46 0.22 -13.35
N THR A 508 -0.37 0.05 -14.65
CA THR A 508 0.71 -0.72 -15.23
C THR A 508 1.37 0.14 -16.29
N VAL A 509 2.65 0.41 -16.03
CA VAL A 509 3.50 1.23 -16.90
C VAL A 509 4.47 0.35 -17.68
N ASN A 510 4.33 0.39 -19.01
CA ASN A 510 5.20 -0.36 -19.89
C ASN A 510 6.10 0.63 -20.60
N VAL A 511 7.31 0.67 -20.14
CA VAL A 511 8.22 1.62 -20.73
C VAL A 511 8.53 1.35 -22.20
N ALA A 512 8.60 0.08 -22.58
CA ALA A 512 8.93 -0.22 -23.96
C ALA A 512 7.84 0.24 -24.87
N GLN A 513 6.63 -0.02 -24.47
CA GLN A 513 5.54 0.39 -25.32
C GLN A 513 5.08 1.81 -25.01
N LYS A 514 5.67 2.48 -23.98
CA LYS A 514 5.18 3.82 -23.61
C LYS A 514 3.65 3.79 -23.36
N SER A 515 3.17 2.81 -22.56
CA SER A 515 1.76 2.74 -22.31
C SER A 515 1.42 2.70 -20.82
N LEU A 516 0.25 3.21 -20.49
CA LEU A 516 -0.25 3.23 -19.14
C LEU A 516 -1.57 2.52 -19.16
N GLU A 517 -1.69 1.46 -18.38
CA GLU A 517 -2.93 0.75 -18.26
C GLU A 517 -3.52 0.98 -16.89
N ILE A 518 -4.80 1.31 -16.83
CA ILE A 518 -5.50 1.56 -15.59
C ILE A 518 -6.63 0.56 -15.47
N VAL A 519 -6.62 -0.19 -14.38
CA VAL A 519 -7.64 -1.20 -14.12
C VAL A 519 -8.32 -0.88 -12.82
N TYR A 520 -9.64 -0.68 -12.91
CA TYR A 520 -10.44 -0.41 -11.73
C TYR A 520 -11.20 -1.65 -11.33
N LYS A 521 -11.29 -1.89 -10.02
CA LYS A 521 -12.11 -2.96 -9.49
C LYS A 521 -12.85 -2.41 -8.28
N GLY A 522 -14.10 -2.79 -8.11
CA GLY A 522 -14.83 -2.28 -6.97
C GLY A 522 -15.74 -3.41 -6.46
N LYS A 523 -15.89 -3.44 -5.16
CA LYS A 523 -16.74 -4.46 -4.55
C LYS A 523 -17.32 -3.93 -3.25
N LEU A 524 -18.61 -4.24 -3.02
CA LEU A 524 -19.29 -3.82 -1.81
C LEU A 524 -18.92 -4.75 -0.66
N THR A 525 -18.55 -4.17 0.48
CA THR A 525 -18.22 -5.08 1.55
C THR A 525 -19.42 -5.17 2.47
N ALA A 526 -20.33 -4.25 2.33
CA ALA A 526 -21.52 -4.27 3.15
C ALA A 526 -22.54 -3.50 2.31
N GLY A 527 -23.84 -3.69 2.51
CA GLY A 527 -24.83 -2.99 1.67
C GLY A 527 -25.38 -3.85 0.52
N GLU A 528 -26.59 -3.53 0.04
CA GLU A 528 -27.12 -4.33 -1.05
C GLU A 528 -26.64 -3.87 -2.41
N ALA A 529 -26.46 -2.55 -2.57
CA ALA A 529 -25.97 -2.14 -3.88
C ALA A 529 -25.57 -0.70 -3.86
N THR A 530 -24.77 -0.31 -4.86
CA THR A 530 -24.36 1.08 -5.04
C THR A 530 -24.20 1.39 -6.51
N PRO A 531 -24.45 2.65 -6.85
CA PRO A 531 -24.24 3.07 -8.20
C PRO A 531 -22.71 3.20 -8.28
N ILE A 532 -22.10 2.87 -9.41
CA ILE A 532 -20.67 2.99 -9.52
C ILE A 532 -20.26 3.30 -10.97
N ASN A 533 -19.31 4.19 -11.14
CA ASN A 533 -18.90 4.53 -12.49
C ASN A 533 -17.62 5.37 -12.34
N LEU A 534 -16.48 4.68 -12.26
CA LEU A 534 -15.24 5.45 -12.10
C LEU A 534 -14.59 5.83 -13.42
N THR A 535 -13.64 6.78 -13.32
CA THR A 535 -12.84 7.19 -14.48
C THR A 535 -11.60 7.94 -14.00
N ASN A 536 -10.74 8.29 -14.95
CA ASN A 536 -9.53 9.05 -14.74
C ASN A 536 -9.72 10.32 -15.53
N HIS A 537 -9.51 11.40 -14.85
CA HIS A 537 -9.69 12.72 -15.41
C HIS A 537 -8.45 13.47 -15.85
N SER A 538 -7.49 12.72 -16.37
CA SER A 538 -6.28 13.35 -16.86
C SER A 538 -6.62 14.38 -17.93
N TYR A 539 -5.84 15.43 -17.98
CA TYR A 539 -5.96 16.43 -19.00
C TYR A 539 -4.64 16.40 -19.76
N PHE A 540 -4.78 16.14 -21.07
CA PHE A 540 -3.60 16.09 -21.90
C PHE A 540 -3.31 17.39 -22.59
N ASN A 541 -2.06 17.51 -22.86
CA ASN A 541 -1.46 18.61 -23.58
C ASN A 541 -0.18 18.02 -24.21
N LEU A 542 -0.22 17.78 -25.50
CA LEU A 542 0.87 17.13 -26.17
C LEU A 542 1.89 18.06 -26.72
N ASN A 543 1.80 19.34 -26.36
CA ASN A 543 2.77 20.27 -26.90
C ASN A 543 3.25 21.23 -25.85
N LYS A 544 3.43 20.77 -24.60
CA LYS A 544 3.86 21.64 -23.50
C LYS A 544 5.11 22.50 -23.72
N PRO A 545 6.16 21.93 -24.29
CA PRO A 545 7.38 22.73 -24.50
C PRO A 545 7.14 24.06 -25.26
N TYR A 546 6.25 23.98 -26.23
CA TYR A 546 5.88 25.10 -27.07
C TYR A 546 4.39 25.34 -27.07
N GLY A 547 3.88 26.31 -26.35
CA GLY A 547 2.45 26.38 -26.52
C GLY A 547 1.65 26.47 -25.25
N ASP A 548 0.85 27.52 -25.30
CA ASP A 548 -0.07 28.00 -24.29
C ASP A 548 -1.47 27.36 -24.29
N THR A 549 -1.78 26.56 -25.32
CA THR A 549 -3.04 25.87 -25.41
C THR A 549 -2.89 24.56 -26.16
N ILE A 550 -4.02 23.83 -26.31
CA ILE A 550 -4.09 22.57 -27.05
C ILE A 550 -4.20 22.87 -28.55
N GLU A 551 -4.18 24.17 -28.89
CA GLU A 551 -4.29 24.53 -30.30
C GLU A 551 -3.33 23.73 -31.16
N GLY A 552 -3.77 23.23 -32.33
CA GLY A 552 -2.90 22.43 -33.21
C GLY A 552 -3.11 20.92 -33.03
N THR A 553 -3.78 20.52 -31.93
CA THR A 553 -3.95 19.10 -31.75
C THR A 553 -4.92 18.51 -32.77
N GLU A 554 -4.55 17.35 -33.35
CA GLU A 554 -5.39 16.67 -34.27
C GLU A 554 -6.07 15.52 -33.57
N ILE A 555 -7.39 15.52 -33.72
CA ILE A 555 -8.25 14.55 -33.12
C ILE A 555 -9.12 13.78 -34.13
N MET A 556 -9.25 12.50 -33.87
CA MET A 556 -10.11 11.57 -34.56
C MET A 556 -10.68 10.63 -33.47
N VAL A 557 -11.97 10.34 -33.48
CA VAL A 557 -12.56 9.47 -32.49
C VAL A 557 -13.17 8.30 -33.26
N ARG A 558 -13.47 7.24 -32.52
CA ARG A 558 -14.01 6.06 -33.13
C ARG A 558 -15.30 6.24 -33.91
N SER A 559 -16.14 7.09 -33.40
CA SER A 559 -17.40 7.35 -34.03
C SER A 559 -18.00 8.64 -33.46
N LYS A 560 -18.80 9.35 -34.29
CA LYS A 560 -19.47 10.62 -33.94
C LYS A 560 -20.68 10.45 -33.03
N LYS A 561 -21.13 9.20 -32.92
CA LYS A 561 -22.30 8.87 -32.15
C LYS A 561 -22.14 9.30 -30.72
N SER A 562 -23.09 10.08 -30.27
CA SER A 562 -22.99 10.58 -28.92
C SER A 562 -24.31 10.73 -28.16
N VAL A 563 -24.20 10.69 -26.85
CA VAL A 563 -25.35 10.83 -25.98
C VAL A 563 -25.94 12.22 -26.11
N ASP A 564 -27.13 12.36 -26.69
CA ASP A 564 -27.76 13.66 -26.82
C ASP A 564 -28.17 14.15 -25.40
N VAL A 565 -27.96 15.43 -25.15
CA VAL A 565 -28.30 15.96 -23.83
C VAL A 565 -29.12 17.24 -23.93
N ASP A 566 -29.78 17.59 -22.81
CA ASP A 566 -30.62 18.77 -22.69
C ASP A 566 -29.83 19.95 -22.18
N LYS A 567 -30.57 21.03 -21.98
CA LYS A 567 -29.91 22.22 -21.49
C LYS A 567 -29.18 21.98 -20.18
N ASN A 568 -29.50 20.90 -19.44
CA ASN A 568 -28.82 20.67 -18.15
C ASN A 568 -27.80 19.57 -18.23
N MET A 569 -27.35 19.29 -19.43
CA MET A 569 -26.34 18.25 -19.63
C MET A 569 -26.81 16.88 -19.31
N ILE A 570 -28.12 16.70 -19.27
CA ILE A 570 -28.70 15.38 -18.97
C ILE A 570 -29.25 14.77 -20.24
N PRO A 571 -29.10 13.44 -20.43
CA PRO A 571 -29.57 12.76 -21.63
C PRO A 571 -31.03 12.98 -21.97
N THR A 572 -31.30 13.11 -23.26
CA THR A 572 -32.67 13.30 -23.72
C THR A 572 -33.27 11.93 -24.02
N GLY A 573 -32.37 10.98 -24.14
CA GLY A 573 -32.73 9.61 -24.42
C GLY A 573 -32.24 9.32 -25.83
N ASN A 574 -32.01 10.41 -26.57
CA ASN A 574 -31.56 10.22 -27.92
C ASN A 574 -30.05 10.15 -28.12
N ILE A 575 -29.66 9.59 -29.28
CA ILE A 575 -28.28 9.45 -29.76
C ILE A 575 -28.04 10.24 -31.05
N VAL A 576 -27.15 11.24 -31.01
CA VAL A 576 -26.86 12.07 -32.17
C VAL A 576 -25.38 12.09 -32.55
N ASP A 577 -25.14 12.54 -33.76
CA ASP A 577 -23.79 12.67 -34.27
C ASP A 577 -23.22 14.03 -33.89
N ARG A 578 -21.94 14.07 -33.56
CA ARG A 578 -21.24 15.30 -33.27
C ARG A 578 -20.42 15.59 -34.49
N GLU A 579 -20.04 16.84 -34.64
CA GLU A 579 -19.24 17.12 -35.78
C GLU A 579 -17.80 16.94 -35.41
N ILE A 580 -17.26 15.77 -35.72
CA ILE A 580 -15.89 15.56 -35.36
C ILE A 580 -15.36 14.47 -36.25
N ALA A 581 -14.06 14.49 -36.50
CA ALA A 581 -13.45 13.46 -37.34
C ALA A 581 -13.47 12.07 -36.69
N THR A 582 -13.62 11.01 -37.52
CA THR A 582 -13.58 9.66 -37.00
C THR A 582 -12.31 9.11 -37.61
N PHE A 583 -11.98 7.87 -37.29
CA PHE A 583 -10.74 7.31 -37.82
C PHE A 583 -10.72 7.16 -39.33
N ASN A 584 -11.87 7.17 -39.97
CA ASN A 584 -11.84 7.00 -41.41
C ASN A 584 -11.92 8.32 -42.14
N SER A 585 -12.07 9.43 -41.42
CA SER A 585 -12.12 10.77 -42.05
C SER A 585 -10.80 11.04 -42.73
N THR A 586 -10.86 11.84 -43.82
CA THR A 586 -9.65 12.18 -44.56
C THR A 586 -8.76 13.16 -43.80
N LYS A 587 -9.38 14.01 -43.01
CA LYS A 587 -8.62 14.95 -42.23
C LYS A 587 -9.08 14.78 -40.79
N PRO A 588 -8.22 15.10 -39.84
CA PRO A 588 -8.60 15.01 -38.45
C PRO A 588 -9.27 16.32 -38.01
N THR A 589 -9.89 16.35 -36.84
CA THR A 589 -10.50 17.56 -36.34
C THR A 589 -9.32 18.33 -35.72
N VAL A 590 -9.09 19.58 -36.11
CA VAL A 590 -7.98 20.34 -35.55
C VAL A 590 -8.48 21.24 -34.42
N LEU A 591 -7.93 21.15 -33.20
CA LEU A 591 -8.44 22.01 -32.15
C LEU A 591 -7.74 23.33 -32.21
N GLY A 592 -8.54 24.39 -32.29
CA GLY A 592 -7.98 25.71 -32.34
C GLY A 592 -7.88 26.27 -30.94
N PRO A 593 -7.33 27.45 -30.89
CA PRO A 593 -7.17 28.17 -29.66
C PRO A 593 -8.51 28.39 -28.98
N LYS A 594 -9.60 28.46 -29.73
CA LYS A 594 -10.91 28.65 -29.12
C LYS A 594 -11.96 27.61 -29.45
N ASN A 595 -11.94 27.14 -30.68
CA ASN A 595 -12.90 26.16 -31.13
C ASN A 595 -12.20 25.12 -31.95
N PRO A 596 -12.83 23.98 -32.20
CA PRO A 596 -14.15 23.61 -31.73
C PRO A 596 -14.13 23.27 -30.24
N GLN A 597 -15.30 23.30 -29.63
CA GLN A 597 -15.41 23.01 -28.22
C GLN A 597 -16.21 21.75 -27.98
N PHE A 598 -15.72 20.80 -27.21
CA PHE A 598 -16.50 19.59 -26.98
C PHE A 598 -16.63 19.37 -25.49
N ASP A 599 -17.73 18.78 -25.12
CA ASP A 599 -18.08 18.37 -23.78
C ASP A 599 -19.19 17.34 -23.93
N CYS A 600 -18.85 16.15 -24.50
CA CYS A 600 -19.88 15.17 -24.72
C CYS A 600 -19.47 13.74 -24.54
N CYS A 601 -20.50 12.93 -24.43
CA CYS A 601 -20.33 11.52 -24.25
C CYS A 601 -20.49 10.74 -25.55
N PHE A 602 -19.39 10.18 -26.02
CA PHE A 602 -19.41 9.41 -27.24
C PHE A 602 -19.71 7.98 -26.87
N VAL A 603 -20.48 7.34 -27.73
CA VAL A 603 -20.90 5.96 -27.56
C VAL A 603 -20.03 5.07 -28.42
N VAL A 604 -19.56 3.95 -27.86
CA VAL A 604 -18.71 3.06 -28.64
C VAL A 604 -19.48 2.31 -29.71
N ASP A 605 -20.58 1.72 -29.30
CA ASP A 605 -21.46 0.96 -30.19
C ASP A 605 -22.83 1.49 -29.94
N GLU A 606 -23.30 2.18 -30.95
CA GLU A 606 -24.59 2.80 -30.84
C GLU A 606 -25.73 1.81 -30.59
N ASN A 607 -25.47 0.56 -30.93
CA ASN A 607 -26.44 -0.51 -30.77
C ASN A 607 -26.58 -1.10 -29.40
N ALA A 608 -25.41 -1.26 -28.80
CA ALA A 608 -25.27 -1.83 -27.51
C ALA A 608 -26.31 -1.47 -26.46
N LYS A 609 -26.70 -2.56 -25.82
CA LYS A 609 -27.60 -2.70 -24.70
C LYS A 609 -26.60 -3.01 -23.54
N PRO A 610 -26.13 -1.91 -22.85
CA PRO A 610 -25.17 -1.98 -21.74
C PRO A 610 -25.68 -2.81 -20.56
N SER A 611 -25.09 -3.96 -20.40
CA SER A 611 -25.56 -4.76 -19.31
C SER A 611 -24.49 -5.05 -18.28
N GLN A 612 -23.20 -4.90 -18.65
CA GLN A 612 -22.16 -5.31 -17.74
C GLN A 612 -21.57 -4.40 -16.67
N ILE A 613 -21.55 -4.88 -15.41
CA ILE A 613 -20.92 -4.10 -14.34
C ILE A 613 -19.37 -4.20 -14.43
N ASN A 614 -18.88 -5.25 -15.09
CA ASN A 614 -17.45 -5.43 -15.24
C ASN A 614 -17.07 -5.70 -16.70
N THR A 615 -16.37 -4.77 -17.33
CA THR A 615 -15.95 -4.87 -18.74
C THR A 615 -14.55 -5.37 -18.93
N LEU A 616 -13.94 -5.85 -17.84
CA LEU A 616 -12.54 -6.28 -17.97
C LEU A 616 -12.27 -7.34 -19.00
N ASN A 617 -13.27 -8.09 -19.33
CA ASN A 617 -12.95 -9.08 -20.33
C ASN A 617 -13.41 -8.68 -21.69
N ASN A 618 -13.94 -7.46 -21.81
CA ASN A 618 -14.42 -7.01 -23.09
C ASN A 618 -13.25 -6.62 -23.95
N GLU A 619 -13.47 -6.35 -25.24
CA GLU A 619 -12.35 -5.96 -26.08
C GLU A 619 -11.82 -4.56 -25.70
N LEU A 620 -10.52 -4.38 -25.85
CA LEU A 620 -9.92 -3.10 -25.54
C LEU A 620 -10.05 -2.25 -26.83
N THR A 621 -11.08 -1.46 -26.84
CA THR A 621 -11.37 -0.69 -28.01
C THR A 621 -10.61 0.62 -28.13
N LEU A 622 -10.03 0.84 -29.30
CA LEU A 622 -9.35 2.11 -29.57
C LEU A 622 -10.44 3.18 -29.75
N ILE A 623 -10.44 4.23 -28.92
CA ILE A 623 -11.50 5.21 -29.01
C ILE A 623 -11.12 6.62 -29.43
N VAL A 624 -9.89 7.00 -29.14
CA VAL A 624 -9.45 8.33 -29.51
C VAL A 624 -8.02 8.32 -29.94
N LYS A 625 -7.72 9.10 -31.00
CA LYS A 625 -6.37 9.26 -31.51
C LYS A 625 -6.10 10.74 -31.45
N ALA A 626 -5.02 11.15 -30.82
CA ALA A 626 -4.71 12.58 -30.72
C ALA A 626 -3.29 12.77 -31.18
N PHE A 627 -3.05 13.78 -31.99
CA PHE A 627 -1.71 13.97 -32.46
C PHE A 627 -1.33 15.45 -32.52
N HIS A 628 -0.07 15.76 -32.17
CA HIS A 628 0.41 17.13 -32.24
C HIS A 628 1.61 17.18 -33.19
N PRO A 629 1.42 17.77 -34.34
CA PRO A 629 2.48 17.83 -35.33
C PRO A 629 3.73 18.55 -34.86
N ASP A 630 3.61 19.51 -33.95
CA ASP A 630 4.78 20.22 -33.50
C ASP A 630 5.61 19.43 -32.51
N SER A 631 5.01 18.47 -31.79
CA SER A 631 5.83 17.73 -30.86
C SER A 631 6.00 16.36 -31.47
N ASN A 632 5.13 16.05 -32.44
CA ASN A 632 5.19 14.78 -33.10
C ASN A 632 4.79 13.65 -32.22
N ILE A 633 4.09 14.00 -31.17
CA ILE A 633 3.60 12.95 -30.29
C ILE A 633 2.18 12.46 -30.63
N THR A 634 2.03 11.17 -30.54
CA THR A 634 0.71 10.60 -30.74
C THR A 634 0.21 9.92 -29.44
N LEU A 635 -1.06 10.13 -29.14
CA LEU A 635 -1.68 9.54 -27.99
C LEU A 635 -2.86 8.77 -28.50
N GLU A 636 -2.98 7.55 -27.97
CA GLU A 636 -4.13 6.72 -28.26
C GLU A 636 -4.74 6.31 -26.92
N VAL A 637 -6.06 6.41 -26.84
CA VAL A 637 -6.72 6.01 -25.65
C VAL A 637 -7.57 4.84 -26.06
N LEU A 638 -7.56 3.83 -25.21
CA LEU A 638 -8.38 2.65 -25.48
C LEU A 638 -9.13 2.35 -24.22
N SER A 639 -10.27 1.66 -24.34
CA SER A 639 -10.99 1.30 -23.12
C SER A 639 -11.94 0.13 -23.37
N THR A 640 -12.26 -0.62 -22.32
CA THR A 640 -13.21 -1.72 -22.40
C THR A 640 -14.59 -1.13 -22.06
N GLU A 641 -14.67 0.19 -21.75
CA GLU A 641 -15.93 0.87 -21.39
C GLU A 641 -16.82 1.19 -22.60
N PRO A 642 -18.12 1.30 -22.34
CA PRO A 642 -19.10 1.55 -23.39
C PRO A 642 -19.10 2.93 -23.99
N THR A 643 -18.75 3.92 -23.18
CA THR A 643 -18.74 5.31 -23.66
C THR A 643 -17.47 6.04 -23.28
N TYR A 644 -17.32 7.26 -23.74
CA TYR A 644 -16.14 8.07 -23.38
C TYR A 644 -16.51 9.53 -23.44
N GLN A 645 -16.22 10.25 -22.38
CA GLN A 645 -16.48 11.69 -22.39
C GLN A 645 -15.27 12.41 -23.02
N PHE A 646 -15.54 13.37 -23.90
CA PHE A 646 -14.48 14.13 -24.50
C PHE A 646 -14.69 15.57 -24.18
N TYR A 647 -13.68 16.19 -23.56
CA TYR A 647 -13.85 17.55 -23.14
C TYR A 647 -12.63 18.39 -23.41
N THR A 648 -12.82 19.52 -24.11
CA THR A 648 -11.76 20.45 -24.51
C THR A 648 -11.23 21.48 -23.49
N GLY A 649 -11.55 21.33 -22.20
CA GLY A 649 -11.07 22.17 -21.11
C GLY A 649 -11.37 23.64 -21.26
N ASP A 650 -12.50 23.87 -21.86
CA ASP A 650 -12.95 25.23 -22.09
C ASP A 650 -13.24 25.93 -20.79
N PHE A 651 -13.64 25.18 -19.79
CA PHE A 651 -13.95 25.78 -18.50
C PHE A 651 -12.84 25.55 -17.49
N LEU A 652 -11.62 25.29 -17.99
CA LEU A 652 -10.48 25.07 -17.11
C LEU A 652 -10.20 26.29 -16.23
N SER A 653 -10.13 25.95 -14.96
CA SER A 653 -9.89 26.81 -13.83
C SER A 653 -8.68 26.32 -13.03
N ALA A 654 -8.81 26.63 -11.74
CA ALA A 654 -7.89 26.32 -10.68
C ALA A 654 -6.43 26.29 -11.10
N GLY A 655 -5.86 27.40 -11.54
CA GLY A 655 -4.45 27.43 -11.97
C GLY A 655 -4.27 27.34 -13.48
N TYR A 656 -5.28 26.82 -14.18
CA TYR A 656 -5.09 26.77 -15.60
C TYR A 656 -6.11 27.64 -16.26
N GLU A 657 -5.84 27.85 -17.52
CA GLU A 657 -6.80 28.55 -18.31
C GLU A 657 -7.43 27.65 -19.34
N ALA A 658 -8.51 28.17 -19.95
CA ALA A 658 -9.32 27.49 -20.92
C ALA A 658 -8.54 26.79 -22.00
N ARG A 659 -8.90 25.54 -22.28
CA ARG A 659 -8.21 24.86 -23.36
C ARG A 659 -6.75 24.58 -23.16
N GLN A 660 -6.32 24.54 -21.94
CA GLN A 660 -4.94 24.21 -21.69
C GLN A 660 -4.70 22.69 -21.67
N GLY A 661 -5.75 21.88 -21.70
CA GLY A 661 -5.57 20.43 -21.74
C GLY A 661 -6.89 19.85 -22.21
N PHE A 662 -6.94 18.59 -22.67
CA PHE A 662 -8.22 17.99 -23.08
C PHE A 662 -8.37 16.68 -22.32
N ALA A 663 -9.57 16.38 -21.88
CA ALA A 663 -9.87 15.14 -21.15
C ALA A 663 -10.60 14.13 -22.02
N ILE A 664 -10.31 12.86 -21.71
CA ILE A 664 -10.94 11.69 -22.35
C ILE A 664 -11.25 10.74 -21.24
N GLU A 665 -12.55 10.62 -20.91
CA GLU A 665 -12.95 9.80 -19.78
C GLU A 665 -13.86 8.65 -20.08
N PRO A 666 -13.27 7.50 -20.32
CA PRO A 666 -14.05 6.29 -20.65
C PRO A 666 -14.93 5.93 -19.45
N GLY A 667 -16.14 5.46 -19.74
CA GLY A 667 -17.03 5.15 -18.64
C GLY A 667 -18.40 4.67 -19.13
N ARG A 668 -19.42 5.03 -18.37
CA ARG A 668 -20.80 4.62 -18.61
C ARG A 668 -21.89 5.70 -18.71
N TYR A 669 -21.97 6.27 -19.93
CA TYR A 669 -22.98 7.24 -20.28
C TYR A 669 -22.98 8.46 -19.38
N ILE A 670 -24.15 9.10 -19.22
CA ILE A 670 -24.39 10.26 -18.36
C ILE A 670 -25.68 9.90 -17.63
N ASP A 671 -25.77 10.13 -16.36
CA ASP A 671 -26.97 9.80 -15.64
C ASP A 671 -27.49 8.37 -15.85
N ALA A 672 -26.60 7.45 -16.17
CA ALA A 672 -27.02 6.07 -16.42
C ALA A 672 -27.91 5.47 -15.31
N ILE A 673 -27.56 5.81 -14.09
CA ILE A 673 -28.27 5.31 -12.92
C ILE A 673 -29.76 5.64 -13.02
N ASN A 674 -30.13 6.74 -13.67
CA ASN A 674 -31.54 7.12 -13.78
C ASN A 674 -32.11 6.74 -15.13
N GLN A 675 -31.32 6.09 -15.95
CA GLN A 675 -31.78 5.76 -17.26
C GLN A 675 -32.02 4.32 -17.35
N GLU A 676 -33.28 4.11 -17.63
CA GLU A 676 -33.85 2.81 -17.77
C GLU A 676 -32.94 1.80 -18.42
N ASN A 677 -32.52 2.17 -19.63
CA ASN A 677 -31.68 1.28 -20.40
C ASN A 677 -30.22 1.28 -20.01
N TRP A 678 -29.80 2.22 -19.16
CA TRP A 678 -28.38 2.19 -18.84
C TRP A 678 -28.07 1.88 -17.39
N LYS A 679 -29.09 1.95 -16.53
CA LYS A 679 -28.93 1.76 -15.10
C LYS A 679 -28.28 0.47 -14.59
N ASP A 680 -28.49 -0.61 -15.27
CA ASP A 680 -27.92 -1.81 -14.73
C ASP A 680 -26.44 -1.89 -14.84
N CYS A 681 -25.92 -1.27 -15.86
CA CYS A 681 -24.49 -1.37 -16.01
C CYS A 681 -23.66 -0.53 -14.99
N VAL A 682 -24.31 0.38 -14.24
CA VAL A 682 -23.67 1.22 -13.23
C VAL A 682 -24.18 0.86 -11.81
N THR A 683 -24.83 -0.33 -11.66
CA THR A 683 -25.40 -0.79 -10.39
C THR A 683 -24.63 -1.98 -9.89
N LEU A 684 -23.84 -1.71 -8.85
CA LEU A 684 -23.02 -2.74 -8.27
C LEU A 684 -23.77 -3.39 -7.14
N LYS A 685 -23.98 -4.66 -7.33
CA LYS A 685 -24.68 -5.35 -6.29
C LYS A 685 -23.73 -6.18 -5.45
N ASN A 686 -24.24 -6.40 -4.28
CA ASN A 686 -23.55 -7.20 -3.33
C ASN A 686 -23.16 -8.51 -3.97
N GLY A 687 -21.90 -8.87 -3.82
CA GLY A 687 -21.44 -10.12 -4.39
C GLY A 687 -20.79 -9.99 -5.75
N GLU A 688 -21.04 -8.88 -6.41
CA GLU A 688 -20.40 -8.75 -7.70
C GLU A 688 -19.19 -7.83 -7.59
N THR A 689 -18.49 -7.73 -8.73
CA THR A 689 -17.30 -6.90 -8.84
C THR A 689 -17.34 -5.99 -10.07
N TYR A 690 -17.31 -4.67 -9.81
CA TYR A 690 -17.23 -3.68 -10.87
C TYR A 690 -15.82 -3.73 -11.44
N GLY A 691 -15.70 -3.59 -12.74
CA GLY A 691 -14.40 -3.62 -13.37
C GLY A 691 -14.42 -2.73 -14.56
N SER A 692 -13.34 -1.99 -14.76
CA SER A 692 -13.25 -1.11 -15.90
C SER A 692 -11.77 -0.93 -16.25
N LYS A 693 -11.42 -0.84 -17.53
CA LYS A 693 -10.02 -0.65 -17.94
C LYS A 693 -9.87 0.49 -18.92
N ILE A 694 -8.79 1.24 -18.75
CA ILE A 694 -8.43 2.38 -19.62
C ILE A 694 -6.98 2.27 -19.95
N VAL A 695 -6.66 2.57 -21.20
CA VAL A 695 -5.26 2.51 -21.61
C VAL A 695 -4.91 3.76 -22.38
N TYR A 696 -3.73 4.29 -22.09
CA TYR A 696 -3.14 5.41 -22.81
C TYR A 696 -1.83 4.87 -23.39
N ARG A 697 -1.66 5.05 -24.68
CA ARG A 697 -0.45 4.59 -25.38
C ARG A 697 0.09 5.76 -26.22
N PHE A 698 1.39 6.00 -26.13
CA PHE A 698 1.98 7.09 -26.84
C PHE A 698 2.95 6.59 -27.87
N SER A 699 3.05 7.36 -28.89
CA SER A 699 3.94 6.99 -29.98
C SER A 699 4.27 8.23 -30.77
C1 GAL B . -16.17 16.60 -17.60
C2 GAL B . -17.55 17.24 -17.67
C3 GAL B . -17.42 18.74 -17.85
C4 GAL B . -16.71 19.32 -16.60
C5 GAL B . -15.34 18.62 -16.47
C6 GAL B . -14.68 18.86 -15.11
O1 GAL B . -16.33 15.21 -17.33
O2 GAL B . -18.34 16.69 -18.73
O3 GAL B . -18.74 19.31 -18.01
O4 GAL B . -17.50 19.02 -15.41
O5 GAL B . -15.50 17.16 -16.46
O6 GAL B . -14.03 20.12 -15.15
NA NA C . 14.33 3.48 -6.44
NA NA D . 8.14 -7.50 -7.05
PA NAD E . 14.38 -4.89 11.82
O1A NAD E . 15.67 -4.15 11.65
O2A NAD E . 13.80 -5.33 10.55
O5B NAD E . 13.28 -4.04 12.61
C5B NAD E . 13.63 -3.09 13.65
C4B NAD E . 13.13 -1.73 13.21
O4B NAD E . 13.45 -0.74 14.24
C3B NAD E . 13.74 -1.19 11.88
O3B NAD E . 12.71 -0.89 10.91
C2B NAD E . 14.51 0.05 12.37
O2B NAD E . 14.57 1.07 11.36
C1B NAD E . 13.72 0.46 13.60
N9A NAD E . 14.44 1.26 14.52
C8A NAD E . 15.73 1.05 15.00
N7A NAD E . 16.09 1.91 15.95
C5A NAD E . 15.00 2.75 16.07
C6A NAD E . 14.83 3.89 16.88
N6A NAD E . 15.77 4.33 17.74
N1A NAD E . 13.61 4.52 16.72
C2A NAD E . 12.73 4.01 15.80
N3A NAD E . 12.82 2.98 14.99
C4A NAD E . 13.99 2.39 15.16
O3 NAD E . 14.62 -6.11 12.80
PN NAD E . 13.65 -7.35 13.13
O1N NAD E . 14.28 -8.58 12.59
O2N NAD E . 12.32 -6.99 12.59
O5D NAD E . 13.69 -7.26 14.71
C5D NAD E . 12.62 -6.58 15.40
C4D NAD E . 12.96 -6.70 16.88
O4D NAD E . 13.12 -8.10 17.21
C3D NAD E . 14.29 -6.03 17.32
O3D NAD E . 14.15 -5.42 18.62
C2D NAD E . 15.27 -7.23 17.29
O2D NAD E . 16.34 -6.99 18.22
C1D NAD E . 14.37 -8.33 17.81
N1N NAD E . 14.79 -9.73 17.54
C2N NAD E . 15.01 -10.04 16.22
C3N NAD E . 15.59 -11.26 15.91
C7N NAD E . 15.88 -11.69 14.46
O7N NAD E . 16.49 -12.73 14.26
N7N NAD E . 15.45 -11.00 13.37
C4N NAD E . 15.72 -12.27 16.96
C5N NAD E . 15.13 -11.91 18.21
C6N NAD E . 14.89 -10.63 18.64
N1 UPG F . 25.43 -19.17 9.34
C2 UPG F . 26.06 -19.43 8.15
N3 UPG F . 26.30 -18.29 7.37
C4 UPG F . 25.99 -16.96 7.68
C5 UPG F . 25.35 -16.84 8.96
C6 UPG F . 25.09 -17.87 9.71
O2 UPG F . 26.36 -20.56 7.81
O4 UPG F . 26.23 -16.01 6.93
C1C UPG F . 25.13 -20.32 10.24
C2C UPG F . 25.36 -19.95 11.70
O2C UPG F . 26.58 -20.50 12.19
C3C UPG F . 24.22 -20.63 12.47
C4C UPG F . 23.14 -20.54 11.44
O4C UPG F . 23.81 -20.79 10.17
O3C UPG F . 24.54 -22.00 12.69
C5C UPG F . 22.35 -19.26 11.38
O5C UPG F . 23.01 -18.17 12.04
PA UPG F . 22.12 -16.83 12.03
O1A UPG F . 22.76 -15.46 12.02
O2A UPG F . 21.08 -16.83 10.98
O3A UPG F . 21.45 -17.04 13.52
PB UPG F . 22.00 -16.69 14.94
O1B UPG F . 21.82 -17.96 15.71
O2B UPG F . 23.47 -16.40 14.88
O3B UPG F . 21.31 -15.36 15.66
C1' UPG F . 19.91 -15.04 15.64
C2' UPG F . 19.74 -13.50 15.75
C3' UPG F . 19.24 -12.91 17.12
C4' UPG F . 18.30 -13.94 17.77
C5' UPG F . 19.19 -15.14 17.90
C6' UPG F . 18.67 -16.15 18.89
O2' UPG F . 20.93 -12.84 15.31
O3' UPG F . 18.64 -11.58 17.00
O4' UPG F . 17.69 -13.73 19.06
O5' UPG F . 19.17 -15.79 16.63
O6' UPG F . 19.27 -17.40 18.54
#